data_5G1C
#
_entry.id   5G1C
#
_cell.length_a   101.099
_cell.length_b   101.099
_cell.length_c   175.057
_cell.angle_alpha   90.00
_cell.angle_beta   90.00
_cell.angle_gamma   90.00
#
_symmetry.space_group_name_H-M   'P 42 21 2'
#
loop_
_entity.id
_entity.type
_entity.pdbx_description
1 polymer 'HISTONE DEACETYLASE-LIKE AMIDOHYDROLASE'
2 non-polymer 'ZINC ION'
3 non-polymer 'POTASSIUM ION'
4 non-polymer (2E)-N-hydroxy-3-{4-[(E)-(1,3,5-trimethyl-1H-pyrazol-4-yl)diazenyl]phenyl}prop-2-enamide
5 non-polymer 'PENTAETHYLENE GLYCOL'
6 non-polymer DI(HYDROXYETHYL)ETHER
7 water water
#
_entity_poly.entity_id   1
_entity_poly.type   'polypeptide(L)'
_entity_poly.pdbx_seq_one_letter_code
;HHAIGYVWNTLYGWVDTGTGSLAAANLTARMQPISHHLAHPDTKRRFHELVCASGQIEHLTPIAAVAATDADILRAHSAA
HLENMKRVSNLPTGGDTGDGITMMGNGGLEIARLSAGGAVELTRRVATGELSAGYALVNPPGHHAPHNAAMGFCIFNNTS
VAAGYARAVLGMERVAILDWDVHHGNGTQDIWWNDPSVLTISLHQHLCFPPDSGYSTERGAGNGHGYNINVPLPPGSGNA
AYLHAMDQVVLPALRAYRPQLIIVGSGFDASMLDPLARMMVTADGFRQMARRTIDCAADICDGRIVFVQEGGYSPHYLPF
CGLAVIEELTGVRSLPDPYHEFLAGMGGNTLLDAERAAIEEIVPLLADIR
;
_entity_poly.pdbx_strand_id   A,B
#
loop_
_chem_comp.id
_chem_comp.type
_chem_comp.name
_chem_comp.formula
1PE non-polymer 'PENTAETHYLENE GLYCOL' 'C10 H22 O6'
9RB non-polymer (2E)-N-hydroxy-3-{4-[(E)-(1,3,5-trimethyl-1H-pyrazol-4-yl)diazenyl]phenyl}prop-2-enamide 'C15 H17 N5 O2'
K non-polymer 'POTASSIUM ION' 'K 1'
PEG non-polymer DI(HYDROXYETHYL)ETHER 'C4 H10 O3'
ZN non-polymer 'ZINC ION' 'Zn 2'
#
# COMPACT_ATOMS: atom_id res chain seq x y z
N HIS A 1 14.76 3.42 27.40
CA HIS A 1 13.67 2.70 26.68
C HIS A 1 13.76 2.95 25.16
N HIS A 2 13.45 1.91 24.37
CA HIS A 2 13.46 2.01 22.90
C HIS A 2 12.30 1.23 22.29
N ALA A 3 11.34 1.95 21.77
CA ALA A 3 10.25 1.35 21.00
C ALA A 3 9.72 2.48 20.12
N ILE A 4 9.78 2.29 18.81
CA ILE A 4 9.46 3.38 17.85
C ILE A 4 8.12 3.14 17.17
N GLY A 5 7.17 4.03 17.39
CA GLY A 5 5.84 3.95 16.80
C GLY A 5 5.84 4.40 15.36
N TYR A 6 4.91 3.85 14.58
CA TYR A 6 4.76 4.17 13.16
C TYR A 6 3.29 4.12 12.79
N VAL A 7 2.77 5.20 12.21
CA VAL A 7 1.35 5.29 11.84
C VAL A 7 1.25 5.42 10.30
N TRP A 8 0.61 4.44 9.69
CA TRP A 8 0.12 4.53 8.31
C TRP A 8 -1.29 3.95 8.30
N ASN A 9 -2.18 4.58 7.55
CA ASN A 9 -3.55 4.13 7.38
C ASN A 9 -3.79 4.14 5.91
N THR A 10 -4.38 3.07 5.41
CA THR A 10 -4.68 2.94 4.00
C THR A 10 -5.34 4.18 3.37
N LEU A 11 -6.27 4.79 4.08
CA LEU A 11 -6.98 5.95 3.57
C LEU A 11 -6.11 7.19 3.35
N TYR A 12 -4.98 7.31 4.06
CA TYR A 12 -4.02 8.36 3.75
C TYR A 12 -3.63 8.35 2.24
N GLY A 13 -3.61 7.16 1.63
CA GLY A 13 -3.29 7.01 0.22
C GLY A 13 -4.47 7.23 -0.74
N TRP A 14 -5.69 7.45 -0.20
CA TRP A 14 -6.92 7.55 -0.97
C TRP A 14 -7.47 8.99 -1.07
N VAL A 15 -6.71 9.96 -0.57
CA VAL A 15 -7.10 11.37 -0.65
C VAL A 15 -7.26 11.74 -2.12
N ASP A 16 -8.42 12.29 -2.50
CA ASP A 16 -8.68 12.60 -3.88
C ASP A 16 -8.25 14.03 -4.13
N THR A 17 -7.10 14.17 -4.77
CA THR A 17 -6.57 15.50 -5.10
C THR A 17 -7.07 15.99 -6.46
N GLY A 18 -7.93 15.20 -7.12
CA GLY A 18 -8.64 15.68 -8.31
C GLY A 18 -7.91 15.43 -9.62
N THR A 19 -8.17 16.28 -10.61
CA THR A 19 -7.61 16.12 -11.95
C THR A 19 -6.79 17.33 -12.41
N GLY A 20 -6.60 18.31 -11.54
CA GLY A 20 -5.75 19.46 -11.83
C GLY A 20 -4.30 19.24 -11.39
N SER A 21 -3.47 20.23 -11.66
CA SER A 21 -2.06 20.23 -11.29
C SER A 21 -1.84 20.77 -9.87
N LEU A 22 -2.59 21.81 -9.54
CA LEU A 22 -2.39 22.56 -8.30
C LEU A 22 -3.74 23.16 -7.97
N ALA A 23 -4.21 24.11 -8.78
CA ALA A 23 -5.63 24.42 -8.85
C ALA A 23 -6.27 23.33 -9.71
N ALA A 24 -7.58 23.37 -9.83
CA ALA A 24 -8.31 22.42 -10.65
C ALA A 24 -7.95 22.55 -12.14
N ALA A 25 -8.20 21.52 -12.92
CA ALA A 25 -8.17 21.62 -14.37
C ALA A 25 -9.15 22.70 -14.80
N ASN A 26 -8.86 23.37 -15.93
CA ASN A 26 -9.59 24.56 -16.29
C ASN A 26 -9.50 24.76 -17.79
N LEU A 27 -10.59 24.48 -18.49
CA LEU A 27 -10.60 24.55 -19.94
C LEU A 27 -10.38 25.93 -20.51
N THR A 28 -11.04 26.94 -19.94
CA THR A 28 -10.90 28.29 -20.48
C THR A 28 -9.47 28.83 -20.28
N ALA A 29 -8.82 28.45 -19.19
CA ALA A 29 -7.42 28.77 -18.94
C ALA A 29 -6.44 27.82 -19.68
N ARG A 30 -6.99 26.78 -20.34
CA ARG A 30 -6.23 25.73 -21.03
C ARG A 30 -5.23 25.04 -20.10
N MET A 31 -5.69 24.77 -18.87
CA MET A 31 -4.95 23.95 -17.92
C MET A 31 -5.49 22.56 -18.11
N GLN A 32 -4.72 21.74 -18.84
CA GLN A 32 -5.12 20.38 -19.22
C GLN A 32 -5.19 19.46 -18.00
N PRO A 33 -6.20 18.58 -17.94
CA PRO A 33 -6.20 17.60 -16.84
C PRO A 33 -4.94 16.72 -16.85
N ILE A 34 -4.59 16.23 -15.67
CA ILE A 34 -3.42 15.40 -15.51
C ILE A 34 -3.75 14.31 -14.48
N SER A 35 -3.12 13.14 -14.58
CA SER A 35 -3.42 12.00 -13.67
C SER A 35 -2.97 12.28 -12.23
N HIS A 36 -1.80 12.89 -12.10
CA HIS A 36 -1.20 13.15 -10.78
C HIS A 36 -1.07 14.63 -10.48
N HIS A 37 -1.99 15.12 -9.67
CA HIS A 37 -1.86 16.41 -9.02
C HIS A 37 -0.51 16.44 -8.29
N LEU A 38 0.07 17.62 -8.18
CA LEU A 38 1.33 17.78 -7.44
C LEU A 38 1.30 17.15 -6.05
N ALA A 39 0.21 17.35 -5.33
CA ALA A 39 -0.03 16.82 -4.00
C ALA A 39 -0.63 15.40 -3.92
N HIS A 40 -0.61 14.66 -5.03
CA HIS A 40 -1.21 13.34 -5.11
C HIS A 40 -0.69 12.43 -4.02
N PRO A 41 -1.57 11.60 -3.42
CA PRO A 41 -1.16 10.79 -2.25
C PRO A 41 -0.08 9.74 -2.51
N ASP A 42 0.17 9.38 -3.77
CA ASP A 42 1.23 8.39 -4.12
C ASP A 42 2.60 8.73 -3.57
N THR A 43 2.94 10.01 -3.47
CA THR A 43 4.25 10.40 -2.96
C THR A 43 4.44 9.83 -1.54
N LYS A 44 3.47 10.05 -0.66
CA LYS A 44 3.58 9.57 0.71
C LYS A 44 3.40 8.05 0.76
N ARG A 45 2.55 7.51 -0.09
CA ARG A 45 2.35 6.07 -0.11
C ARG A 45 3.67 5.35 -0.49
N ARG A 46 4.42 5.93 -1.42
CA ARG A 46 5.71 5.38 -1.80
C ARG A 46 6.71 5.39 -0.65
N PHE A 47 6.63 6.42 0.20
CA PHE A 47 7.42 6.47 1.45
C PHE A 47 7.01 5.30 2.35
N HIS A 48 5.71 5.11 2.59
CA HIS A 48 5.23 3.96 3.36
C HIS A 48 5.72 2.61 2.81
N GLU A 49 5.59 2.43 1.48
CA GLU A 49 5.97 1.15 0.86
C GLU A 49 7.47 0.92 0.98
N LEU A 50 8.26 1.99 0.93
CA LEU A 50 9.69 1.87 1.17
C LEU A 50 10.02 1.51 2.65
N VAL A 51 9.29 2.07 3.60
CA VAL A 51 9.42 1.69 5.02
C VAL A 51 9.21 0.20 5.18
N CYS A 52 8.24 -0.35 4.45
CA CYS A 52 7.99 -1.76 4.47
C CYS A 52 9.07 -2.57 3.73
N ALA A 53 9.32 -2.24 2.45
CA ALA A 53 10.18 -3.05 1.55
C ALA A 53 11.65 -3.02 1.97
N SER A 54 12.04 -1.92 2.62
CA SER A 54 13.40 -1.79 3.16
C SER A 54 13.63 -2.68 4.38
N GLY A 55 12.53 -3.18 4.95
CA GLY A 55 12.59 -3.91 6.22
C GLY A 55 12.58 -3.05 7.47
N GLN A 56 12.46 -1.72 7.33
CA GLN A 56 12.37 -0.86 8.52
C GLN A 56 11.13 -1.18 9.35
N ILE A 57 10.05 -1.58 8.68
CA ILE A 57 8.79 -1.91 9.38
C ILE A 57 8.96 -2.98 10.48
N GLU A 58 9.92 -3.89 10.29
N GLU A 58 9.92 -3.89 10.30
CA GLU A 58 10.25 -4.92 11.26
CA GLU A 58 10.23 -4.92 11.28
C GLU A 58 10.84 -4.38 12.55
C GLU A 58 10.82 -4.36 12.58
N HIS A 59 11.40 -3.16 12.50
CA HIS A 59 11.96 -2.47 13.66
C HIS A 59 11.03 -1.42 14.22
N LEU A 60 9.82 -1.35 13.70
CA LEU A 60 8.84 -0.35 14.12
C LEU A 60 7.71 -1.06 14.80
N THR A 61 7.02 -0.32 15.66
CA THR A 61 5.80 -0.77 16.32
C THR A 61 4.60 -0.09 15.60
N PRO A 62 3.90 -0.85 14.74
CA PRO A 62 2.77 -0.23 14.02
C PRO A 62 1.63 0.20 14.95
N ILE A 63 1.19 1.44 14.78
CA ILE A 63 0.20 2.07 15.64
C ILE A 63 -0.99 2.41 14.75
N ALA A 64 -2.18 1.90 15.08
CA ALA A 64 -3.40 2.26 14.36
C ALA A 64 -3.78 3.73 14.61
N ALA A 65 -4.13 4.43 13.54
CA ALA A 65 -4.72 5.74 13.71
C ALA A 65 -6.12 5.59 14.35
N VAL A 66 -6.43 6.52 15.23
CA VAL A 66 -7.75 6.59 15.84
C VAL A 66 -8.31 7.95 15.44
N ALA A 67 -9.53 8.00 14.87
CA ALA A 67 -10.12 9.24 14.37
C ALA A 67 -10.15 10.34 15.41
N ALA A 68 -9.64 11.51 15.06
CA ALA A 68 -9.76 12.66 15.93
C ALA A 68 -11.24 12.96 16.18
N THR A 69 -11.59 13.14 17.45
CA THR A 69 -12.96 13.52 17.82
C THR A 69 -13.17 15.00 17.60
N ASP A 70 -14.42 15.42 17.64
CA ASP A 70 -14.72 16.86 17.61
C ASP A 70 -13.95 17.60 18.70
N ALA A 71 -13.93 17.04 19.92
CA ALA A 71 -13.21 17.65 21.05
C ALA A 71 -11.72 17.79 20.76
N ASP A 72 -11.14 16.76 20.14
CA ASP A 72 -9.73 16.82 19.70
C ASP A 72 -9.50 17.97 18.72
N ILE A 73 -10.35 18.09 17.71
CA ILE A 73 -10.20 19.12 16.70
C ILE A 73 -10.39 20.53 17.28
N LEU A 74 -11.33 20.66 18.23
CA LEU A 74 -11.61 21.95 18.86
C LEU A 74 -10.49 22.51 19.73
N ARG A 75 -9.49 21.70 20.10
CA ARG A 75 -8.31 22.24 20.81
C ARG A 75 -7.41 23.05 19.87
N ALA A 76 -7.59 22.89 18.57
CA ALA A 76 -6.79 23.56 17.55
C ALA A 76 -7.59 24.53 16.69
N HIS A 77 -8.88 24.24 16.52
CA HIS A 77 -9.70 24.92 15.53
C HIS A 77 -11.01 25.39 16.11
N SER A 78 -11.62 26.32 15.38
CA SER A 78 -12.94 26.86 15.72
C SER A 78 -14.04 25.87 15.40
N ALA A 79 -15.14 26.00 16.15
CA ALA A 79 -16.33 25.18 15.90
C ALA A 79 -16.88 25.47 14.52
N ALA A 80 -16.82 26.73 14.10
CA ALA A 80 -17.20 27.10 12.73
C ALA A 80 -16.41 26.35 11.67
N HIS A 81 -15.08 26.21 11.84
CA HIS A 81 -14.27 25.48 10.85
C HIS A 81 -14.65 23.99 10.83
N LEU A 82 -14.75 23.37 12.00
CA LEU A 82 -15.14 21.96 12.10
C LEU A 82 -16.49 21.72 11.44
N GLU A 83 -17.47 22.53 11.83
CA GLU A 83 -18.81 22.50 11.23
C GLU A 83 -18.75 22.64 9.72
N ASN A 84 -17.91 23.56 9.23
CA ASN A 84 -17.77 23.76 7.79
C ASN A 84 -17.17 22.53 7.11
N MET A 85 -16.20 21.89 7.75
CA MET A 85 -15.62 20.67 7.18
C MET A 85 -16.65 19.53 7.17
N LYS A 86 -17.45 19.40 8.24
CA LYS A 86 -18.58 18.43 8.25
C LYS A 86 -19.51 18.70 7.08
N ARG A 87 -19.89 19.97 6.94
CA ARG A 87 -20.74 20.42 5.83
C ARG A 87 -20.19 20.06 4.46
N VAL A 88 -18.94 20.41 4.18
CA VAL A 88 -18.37 20.17 2.84
C VAL A 88 -18.23 18.66 2.62
N SER A 89 -17.85 17.91 3.64
CA SER A 89 -17.74 16.47 3.50
C SER A 89 -19.11 15.80 3.32
N ASN A 90 -20.14 16.36 3.99
CA ASN A 90 -21.53 15.86 3.88
C ASN A 90 -22.19 16.11 2.52
N LEU A 91 -21.69 17.12 1.80
CA LEU A 91 -22.19 17.49 0.47
C LEU A 91 -22.01 16.31 -0.48
N PRO A 92 -22.98 16.05 -1.38
CA PRO A 92 -23.04 14.85 -2.25
C PRO A 92 -21.74 14.51 -3.00
N THR A 93 -21.05 15.51 -3.54
CA THR A 93 -19.74 15.28 -4.15
C THR A 93 -18.60 16.05 -3.46
N GLY A 94 -18.82 16.40 -2.20
CA GLY A 94 -17.91 17.23 -1.46
C GLY A 94 -17.88 18.68 -1.94
N GLY A 95 -16.74 19.34 -1.75
CA GLY A 95 -16.60 20.72 -2.23
C GLY A 95 -15.33 21.48 -1.83
N ASP A 96 -15.38 22.78 -2.12
CA ASP A 96 -14.32 23.74 -1.84
C ASP A 96 -14.36 24.12 -0.38
N THR A 97 -13.24 23.89 0.32
CA THR A 97 -13.17 24.16 1.76
C THR A 97 -13.15 25.64 2.10
N GLY A 98 -12.91 26.50 1.10
CA GLY A 98 -12.99 27.96 1.27
C GLY A 98 -12.05 28.77 0.39
N ASP A 99 -10.85 28.23 0.12
CA ASP A 99 -9.75 28.98 -0.51
C ASP A 99 -9.62 28.76 -2.01
N GLY A 100 -10.62 28.15 -2.62
CA GLY A 100 -10.58 27.81 -4.04
C GLY A 100 -9.54 26.82 -4.52
N ILE A 101 -8.92 26.09 -3.58
N ILE A 101 -8.89 26.10 -3.59
CA ILE A 101 -7.84 25.15 -3.88
CA ILE A 101 -7.84 25.12 -3.93
C ILE A 101 -7.93 23.85 -3.08
C ILE A 101 -7.91 23.84 -3.08
N THR A 102 -8.16 23.96 -1.76
CA THR A 102 -8.18 22.81 -0.87
C THR A 102 -9.58 22.19 -0.88
N MET A 103 -9.64 21.00 -1.47
CA MET A 103 -10.90 20.31 -1.73
C MET A 103 -10.95 19.05 -0.91
N MET A 104 -12.18 18.64 -0.63
CA MET A 104 -12.43 17.45 0.13
C MET A 104 -13.57 16.70 -0.54
N GLY A 105 -13.43 15.38 -0.69
CA GLY A 105 -14.46 14.53 -1.30
C GLY A 105 -15.63 14.33 -0.34
N ASN A 106 -16.72 13.73 -0.82
CA ASN A 106 -17.77 13.20 0.07
C ASN A 106 -17.08 12.23 1.02
N GLY A 107 -17.36 12.34 2.32
CA GLY A 107 -16.69 11.54 3.31
C GLY A 107 -15.20 11.82 3.54
N GLY A 108 -14.61 12.81 2.87
CA GLY A 108 -13.19 13.12 3.02
C GLY A 108 -12.80 13.53 4.45
N LEU A 109 -13.80 13.97 5.23
CA LEU A 109 -13.58 14.30 6.63
C LEU A 109 -13.08 13.09 7.39
N GLU A 110 -13.53 11.88 7.01
CA GLU A 110 -13.01 10.64 7.59
C GLU A 110 -11.47 10.60 7.56
N ILE A 111 -10.89 10.98 6.42
CA ILE A 111 -9.43 10.91 6.27
C ILE A 111 -8.77 12.03 7.08
N ALA A 112 -9.36 13.23 7.04
CA ALA A 112 -8.85 14.36 7.84
C ALA A 112 -8.84 13.99 9.33
N ARG A 113 -9.89 13.33 9.83
CA ARG A 113 -9.88 12.88 11.24
C ARG A 113 -8.79 11.85 11.54
N LEU A 114 -8.64 10.88 10.64
CA LEU A 114 -7.65 9.85 10.80
C LEU A 114 -6.23 10.41 10.72
N SER A 115 -6.04 11.48 9.96
CA SER A 115 -4.74 12.11 9.85
C SER A 115 -4.40 12.84 11.17
N ALA A 116 -5.28 13.70 11.64
CA ALA A 116 -5.06 14.38 12.94
C ALA A 116 -5.01 13.36 14.07
N GLY A 117 -5.86 12.35 13.99
CA GLY A 117 -5.91 11.28 14.96
C GLY A 117 -4.68 10.40 15.04
N GLY A 118 -4.04 10.17 13.89
CA GLY A 118 -2.75 9.51 13.85
C GLY A 118 -1.67 10.25 14.61
N ALA A 119 -1.66 11.56 14.48
CA ALA A 119 -0.72 12.40 15.23
C ALA A 119 -1.00 12.32 16.73
N VAL A 120 -2.28 12.41 17.08
CA VAL A 120 -2.73 12.32 18.50
C VAL A 120 -2.37 10.98 19.12
N GLU A 121 -2.70 9.89 18.44
CA GLU A 121 -2.48 8.55 18.97
C GLU A 121 -0.99 8.27 19.22
N LEU A 122 -0.14 8.71 18.31
CA LEU A 122 1.30 8.56 18.50
C LEU A 122 1.80 9.45 19.63
N THR A 123 1.28 10.66 19.71
CA THR A 123 1.66 11.58 20.80
C THR A 123 1.33 10.96 22.15
N ARG A 124 0.12 10.42 22.27
CA ARG A 124 -0.31 9.74 23.51
C ARG A 124 0.63 8.64 23.91
N ARG A 125 0.95 7.77 22.97
CA ARG A 125 1.77 6.61 23.29
C ARG A 125 3.23 6.91 23.59
N VAL A 126 3.76 7.98 22.99
CA VAL A 126 5.11 8.46 23.33
C VAL A 126 5.11 9.17 24.67
N ALA A 127 4.15 10.06 24.88
CA ALA A 127 4.06 10.84 26.13
C ALA A 127 3.90 9.98 27.37
N THR A 128 3.14 8.91 27.19
CA THR A 128 2.83 7.99 28.25
C THR A 128 4.02 7.08 28.61
N GLY A 129 5.00 6.97 27.73
CA GLY A 129 6.15 6.10 27.93
C GLY A 129 6.00 4.72 27.34
N GLU A 130 4.87 4.43 26.68
CA GLU A 130 4.71 3.17 25.97
C GLU A 130 5.72 3.07 24.83
N LEU A 131 5.89 4.18 24.11
CA LEU A 131 6.86 4.32 23.05
C LEU A 131 7.88 5.37 23.42
N SER A 132 9.11 5.23 22.92
CA SER A 132 10.15 6.24 23.13
C SER A 132 10.07 7.40 22.12
N ALA A 133 9.57 7.11 20.92
CA ALA A 133 9.47 8.13 19.85
C ALA A 133 8.63 7.53 18.74
N GLY A 134 8.34 8.30 17.70
CA GLY A 134 7.68 7.74 16.53
C GLY A 134 7.57 8.63 15.32
N TYR A 135 7.02 8.05 14.26
CA TYR A 135 6.75 8.78 13.01
C TYR A 135 5.29 8.49 12.56
N ALA A 136 4.48 9.55 12.45
CA ALA A 136 3.11 9.47 11.95
C ALA A 136 3.10 9.92 10.48
N LEU A 137 3.03 8.96 9.58
CA LEU A 137 3.09 9.22 8.15
C LEU A 137 1.67 9.52 7.67
N VAL A 138 1.19 10.69 8.03
CA VAL A 138 -0.20 11.04 7.82
C VAL A 138 -0.40 11.79 6.51
N ASN A 139 -1.66 11.88 6.11
CA ASN A 139 -2.11 12.63 4.94
C ASN A 139 -3.64 12.74 5.04
N PRO A 140 -4.22 13.92 4.82
CA PRO A 140 -3.66 15.23 4.43
C PRO A 140 -2.77 15.92 5.49
N PRO A 141 -1.92 16.85 5.05
CA PRO A 141 -1.00 17.57 5.91
C PRO A 141 -1.75 18.62 6.70
N GLY A 142 -1.03 19.33 7.59
CA GLY A 142 -1.68 20.21 8.55
C GLY A 142 -1.22 21.64 8.70
N HIS A 143 0.05 21.94 8.46
CA HIS A 143 0.64 23.17 9.02
C HIS A 143 0.18 24.51 8.45
N HIS A 144 -0.45 24.50 7.28
CA HIS A 144 -1.07 25.71 6.77
C HIS A 144 -2.45 26.06 7.36
N ALA A 145 -3.14 25.11 7.97
CA ALA A 145 -4.51 25.33 8.44
C ALA A 145 -4.48 26.15 9.73
N PRO A 146 -4.97 27.41 9.68
CA PRO A 146 -5.00 28.20 10.92
C PRO A 146 -6.23 27.86 11.75
N HIS A 147 -6.49 28.62 12.80
CA HIS A 147 -7.59 28.31 13.71
C HIS A 147 -8.93 28.17 12.99
N ASN A 148 -9.22 29.09 12.08
CA ASN A 148 -10.56 29.21 11.45
C ASN A 148 -10.70 28.81 9.99
N ALA A 149 -9.74 28.06 9.42
CA ALA A 149 -9.84 27.70 8.00
C ALA A 149 -9.01 26.49 7.61
N ALA A 150 -9.35 25.92 6.46
CA ALA A 150 -8.48 25.00 5.73
C ALA A 150 -7.66 25.85 4.76
N MET A 151 -6.45 25.39 4.46
CA MET A 151 -5.53 26.15 3.58
C MET A 151 -4.37 25.30 3.12
N GLY A 152 -3.90 25.54 1.89
CA GLY A 152 -2.70 24.87 1.36
C GLY A 152 -2.68 23.35 1.47
N PHE A 153 -3.76 22.72 1.05
N PHE A 153 -3.79 22.73 1.07
CA PHE A 153 -3.94 21.25 1.09
CA PHE A 153 -4.01 21.26 1.11
C PHE A 153 -4.19 20.72 2.51
C PHE A 153 -4.18 20.70 2.52
N CYS A 154 -4.32 21.59 3.52
CA CYS A 154 -4.48 21.19 4.92
C CYS A 154 -5.89 21.47 5.42
N ILE A 155 -6.58 20.42 5.89
CA ILE A 155 -7.93 20.51 6.44
C ILE A 155 -7.87 20.82 7.94
N PHE A 156 -7.09 20.05 8.69
CA PHE A 156 -6.82 20.33 10.11
C PHE A 156 -5.33 20.35 10.35
N ASN A 157 -4.94 21.06 11.39
CA ASN A 157 -3.55 21.26 11.74
C ASN A 157 -3.16 20.15 12.67
N ASN A 158 -2.70 19.05 12.08
CA ASN A 158 -2.43 17.81 12.79
C ASN A 158 -1.49 17.98 13.96
N THR A 159 -0.39 18.72 13.78
CA THR A 159 0.54 18.86 14.89
C THR A 159 -0.05 19.73 16.02
N SER A 160 -0.91 20.66 15.67
CA SER A 160 -1.53 21.53 16.70
C SER A 160 -2.66 20.79 17.45
N VAL A 161 -3.36 19.91 16.76
CA VAL A 161 -4.28 18.98 17.44
C VAL A 161 -3.51 18.10 18.43
N ALA A 162 -2.37 17.54 18.00
CA ALA A 162 -1.55 16.74 18.88
C ALA A 162 -1.01 17.55 20.06
N ALA A 163 -0.54 18.77 19.80
CA ALA A 163 -0.05 19.65 20.89
C ALA A 163 -1.17 19.99 21.86
N GLY A 164 -2.34 20.27 21.31
CA GLY A 164 -3.53 20.62 22.11
C GLY A 164 -3.92 19.48 23.04
N TYR A 165 -3.81 18.26 22.51
CA TYR A 165 -4.03 17.04 23.29
C TYR A 165 -2.98 16.86 24.40
N ALA A 166 -1.70 17.05 24.07
CA ALA A 166 -0.64 16.97 25.07
C ALA A 166 -0.83 18.00 26.19
N ARG A 167 -1.29 19.19 25.83
CA ARG A 167 -1.58 20.27 26.78
C ARG A 167 -2.78 19.94 27.68
N ALA A 168 -3.93 19.75 27.05
CA ALA A 168 -5.22 19.65 27.76
C ALA A 168 -5.50 18.29 28.39
N VAL A 169 -5.08 17.21 27.72
CA VAL A 169 -5.40 15.87 28.16
C VAL A 169 -4.28 15.31 28.98
N LEU A 170 -3.03 15.47 28.50
CA LEU A 170 -1.89 14.95 29.22
C LEU A 170 -1.30 15.95 30.22
N GLY A 171 -1.78 17.19 30.22
CA GLY A 171 -1.38 18.17 31.23
C GLY A 171 0.04 18.69 31.09
N MET A 172 0.61 18.58 29.89
CA MET A 172 1.92 19.19 29.65
C MET A 172 1.81 20.70 29.66
N GLU A 173 2.78 21.34 30.32
CA GLU A 173 2.87 22.80 30.43
C GLU A 173 3.52 23.46 29.23
N ARG A 174 4.42 22.73 28.58
CA ARG A 174 5.27 23.28 27.49
C ARG A 174 5.43 22.21 26.41
N VAL A 175 5.04 22.56 25.18
CA VAL A 175 5.21 21.70 24.01
C VAL A 175 5.88 22.55 22.93
N ALA A 176 6.74 21.93 22.13
CA ALA A 176 7.37 22.62 21.00
C ALA A 176 6.96 21.93 19.70
N ILE A 177 6.63 22.73 18.69
CA ILE A 177 6.41 22.25 17.32
C ILE A 177 7.51 22.83 16.44
N LEU A 178 8.35 21.96 15.89
CA LEU A 178 9.44 22.34 14.98
C LEU A 178 9.02 21.93 13.59
N ASP A 179 8.87 22.89 12.69
CA ASP A 179 8.33 22.63 11.37
C ASP A 179 9.42 22.90 10.34
N TRP A 180 9.90 21.85 9.70
CA TRP A 180 10.92 22.00 8.64
C TRP A 180 10.41 21.67 7.24
N ASP A 181 9.10 21.58 7.08
CA ASP A 181 8.49 21.64 5.76
C ASP A 181 8.99 22.97 5.16
N VAL A 182 9.25 22.98 3.85
CA VAL A 182 9.86 24.14 3.20
C VAL A 182 8.96 25.39 3.12
N HIS A 183 7.66 25.20 3.31
CA HIS A 183 6.70 26.28 3.34
C HIS A 183 6.44 26.73 4.77
N HIS A 184 6.15 28.00 4.92
CA HIS A 184 5.89 28.57 6.24
C HIS A 184 4.66 27.91 6.93
N GLY A 185 4.84 27.50 8.18
CA GLY A 185 3.75 26.92 8.98
C GLY A 185 2.87 28.02 9.55
N ASN A 186 2.22 28.75 8.66
CA ASN A 186 1.37 29.90 9.03
C ASN A 186 0.16 29.49 9.90
N GLY A 187 -0.33 28.28 9.68
CA GLY A 187 -1.49 27.81 10.44
C GLY A 187 -1.12 27.60 11.89
N THR A 188 -0.02 26.91 12.11
CA THR A 188 0.50 26.60 13.41
C THR A 188 0.83 27.89 14.14
N GLN A 189 1.50 28.81 13.43
CA GLN A 189 1.79 30.13 13.94
C GLN A 189 0.54 30.86 14.44
N ASP A 190 -0.49 30.85 13.61
CA ASP A 190 -1.77 31.48 13.93
C ASP A 190 -2.44 30.88 15.18
N ILE A 191 -2.47 29.55 15.23
CA ILE A 191 -3.19 28.86 16.31
C ILE A 191 -2.59 29.20 17.67
N TRP A 192 -1.26 29.22 17.77
CA TRP A 192 -0.63 29.43 19.06
C TRP A 192 -0.06 30.84 19.23
N TRP A 193 -0.49 31.78 18.41
CA TRP A 193 0.07 33.14 18.33
C TRP A 193 0.15 33.83 19.70
N ASN A 194 -0.93 33.75 20.47
CA ASN A 194 -1.01 34.38 21.81
C ASN A 194 -0.58 33.49 22.96
N ASP A 195 -0.01 32.32 22.65
CA ASP A 195 0.18 31.25 23.62
C ASP A 195 1.63 30.82 23.83
N PRO A 196 2.21 31.08 25.02
CA PRO A 196 3.59 30.68 25.28
C PRO A 196 3.79 29.21 25.63
N SER A 197 2.71 28.45 25.80
CA SER A 197 2.77 27.05 26.20
C SER A 197 3.02 26.10 25.04
N VAL A 198 2.93 26.63 23.81
CA VAL A 198 3.38 25.91 22.61
C VAL A 198 4.35 26.80 21.81
N LEU A 199 5.64 26.48 21.87
CA LEU A 199 6.66 27.18 21.09
C LEU A 199 6.55 26.68 19.68
N THR A 200 6.40 27.61 18.74
CA THR A 200 6.22 27.28 17.34
C THR A 200 7.42 27.82 16.55
N ILE A 201 8.12 26.90 15.87
CA ILE A 201 9.31 27.22 15.08
C ILE A 201 9.06 26.77 13.64
N SER A 202 9.36 27.63 12.68
CA SER A 202 9.22 27.27 11.25
C SER A 202 10.46 27.67 10.50
N LEU A 203 11.16 26.68 9.94
CA LEU A 203 12.21 26.92 8.96
C LEU A 203 11.58 26.80 7.60
N HIS A 204 11.82 27.73 6.69
CA HIS A 204 11.17 27.67 5.40
C HIS A 204 11.91 28.53 4.40
N GLN A 205 11.63 28.28 3.13
CA GLN A 205 12.03 29.19 2.06
C GLN A 205 11.23 30.47 2.13
N HIS A 206 11.91 31.60 2.20
CA HIS A 206 11.26 32.90 2.34
C HIS A 206 10.25 33.17 1.23
N LEU A 207 8.99 33.35 1.63
CA LEU A 207 7.90 33.73 0.75
C LEU A 207 7.53 32.69 -0.32
N CYS A 208 7.86 31.43 -0.07
CA CYS A 208 7.50 30.37 -1.02
C CYS A 208 5.98 30.09 -0.97
N PHE A 209 5.49 29.76 0.21
CA PHE A 209 4.04 29.72 0.45
C PHE A 209 3.78 29.72 1.97
N PRO A 210 2.82 30.56 2.45
CA PRO A 210 2.04 31.52 1.70
C PRO A 210 2.83 32.75 1.28
N PRO A 211 2.25 33.56 0.39
CA PRO A 211 2.95 34.79 0.03
C PRO A 211 2.84 35.75 1.23
N ASP A 212 3.75 36.69 1.36
CA ASP A 212 3.64 37.70 2.46
C ASP A 212 3.42 37.13 3.88
N SER A 213 4.09 36.01 4.18
CA SER A 213 3.98 35.33 5.44
C SER A 213 5.36 34.73 5.82
N GLY A 214 5.65 34.58 7.11
CA GLY A 214 6.86 33.92 7.63
C GLY A 214 8.10 34.78 7.88
N TYR A 215 7.88 36.09 7.93
CA TYR A 215 8.93 37.03 8.30
C TYR A 215 9.38 36.85 9.73
N SER A 216 10.66 37.15 9.97
CA SER A 216 11.27 37.06 11.31
C SER A 216 10.60 37.96 12.36
N THR A 217 9.92 39.00 11.90
CA THR A 217 9.21 39.93 12.77
C THR A 217 7.86 39.39 13.31
N GLU A 218 7.44 38.23 12.82
CA GLU A 218 6.19 37.61 13.27
C GLU A 218 6.55 36.79 14.47
N ARG A 219 6.29 37.33 15.66
CA ARG A 219 6.85 36.78 16.91
C ARG A 219 5.85 36.38 17.99
N GLY A 220 4.57 36.41 17.65
CA GLY A 220 3.49 36.14 18.60
C GLY A 220 2.99 37.44 19.20
N ALA A 221 2.02 37.34 20.11
CA ALA A 221 1.44 38.54 20.73
C ALA A 221 1.04 38.24 22.16
N GLY A 222 0.93 39.28 22.96
CA GLY A 222 0.59 39.15 24.38
C GLY A 222 1.55 38.26 25.13
N ASN A 223 1.02 37.32 25.92
CA ASN A 223 1.85 36.38 26.65
C ASN A 223 2.66 35.47 25.71
N GLY A 224 2.17 35.28 24.49
CA GLY A 224 2.87 34.52 23.47
C GLY A 224 4.00 35.27 22.75
N HIS A 225 4.18 36.56 23.00
CA HIS A 225 5.24 37.30 22.33
C HIS A 225 6.60 36.71 22.65
N GLY A 226 7.33 36.31 21.61
CA GLY A 226 8.63 35.64 21.76
C GLY A 226 8.57 34.12 21.63
N TYR A 227 7.37 33.55 21.51
CA TYR A 227 7.19 32.09 21.47
C TYR A 227 6.71 31.61 20.09
N ASN A 228 6.95 32.43 19.08
CA ASN A 228 6.90 32.03 17.67
C ASN A 228 8.21 32.48 17.01
N ILE A 229 8.88 31.56 16.31
CA ILE A 229 10.20 31.80 15.71
C ILE A 229 10.16 31.36 14.25
N ASN A 230 10.27 32.32 13.35
CA ASN A 230 10.36 32.06 11.90
C ASN A 230 11.82 32.18 11.48
N VAL A 231 12.27 31.22 10.68
CA VAL A 231 13.62 31.21 10.12
C VAL A 231 13.48 31.17 8.58
N PRO A 232 13.20 32.33 7.97
CA PRO A 232 13.12 32.36 6.50
C PRO A 232 14.51 32.26 5.87
N LEU A 233 14.67 31.35 4.91
CA LEU A 233 15.96 31.08 4.24
C LEU A 233 15.82 31.37 2.75
N PRO A 234 16.94 31.75 2.10
CA PRO A 234 16.85 32.04 0.67
C PRO A 234 16.73 30.78 -0.20
N PRO A 235 16.06 30.92 -1.34
CA PRO A 235 16.11 29.87 -2.35
C PRO A 235 17.54 29.41 -2.63
N GLY A 236 17.73 28.12 -2.85
CA GLY A 236 19.04 27.53 -3.08
C GLY A 236 19.73 27.04 -1.81
N SER A 237 19.14 27.28 -0.64
CA SER A 237 19.73 26.83 0.61
C SER A 237 19.75 25.30 0.67
N GLY A 238 20.87 24.76 1.15
CA GLY A 238 21.07 23.32 1.20
C GLY A 238 21.41 22.84 2.59
N ASN A 239 22.13 21.70 2.62
CA ASN A 239 22.43 21.05 3.89
C ASN A 239 23.19 21.97 4.85
N ALA A 240 24.12 22.76 4.32
CA ALA A 240 24.94 23.61 5.19
C ALA A 240 24.08 24.67 5.85
N ALA A 241 23.18 25.31 5.08
CA ALA A 241 22.27 26.31 5.66
C ALA A 241 21.33 25.69 6.69
N TYR A 242 20.75 24.55 6.33
CA TYR A 242 19.78 23.91 7.23
C TYR A 242 20.43 23.47 8.55
N LEU A 243 21.63 22.91 8.48
CA LEU A 243 22.34 22.49 9.68
C LEU A 243 22.84 23.66 10.52
N HIS A 244 23.24 24.75 9.86
CA HIS A 244 23.58 25.97 10.57
C HIS A 244 22.36 26.54 11.31
N ALA A 245 21.20 26.54 10.64
CA ALA A 245 19.95 26.94 11.28
C ALA A 245 19.62 26.05 12.47
N MET A 246 19.84 24.74 12.35
CA MET A 246 19.60 23.81 13.47
C MET A 246 20.51 24.13 14.65
N ASP A 247 21.79 24.32 14.35
CA ASP A 247 22.79 24.51 15.39
C ASP A 247 22.73 25.90 16.03
N GLN A 248 22.44 26.92 15.24
CA GLN A 248 22.43 28.28 15.75
C GLN A 248 21.13 28.75 16.35
N VAL A 249 20.00 28.23 15.87
CA VAL A 249 18.69 28.73 16.23
C VAL A 249 17.80 27.64 16.82
N VAL A 250 17.58 26.56 16.06
CA VAL A 250 16.53 25.61 16.45
C VAL A 250 16.83 24.90 17.77
N LEU A 251 17.98 24.27 17.85
CA LEU A 251 18.38 23.51 19.02
C LEU A 251 18.57 24.43 20.24
N PRO A 252 19.21 25.61 20.07
CA PRO A 252 19.23 26.53 21.20
C PRO A 252 17.86 26.99 21.68
N ALA A 253 16.93 27.21 20.75
CA ALA A 253 15.58 27.60 21.11
C ALA A 253 14.88 26.52 21.94
N LEU A 254 15.03 25.27 21.53
CA LEU A 254 14.44 24.15 22.26
C LEU A 254 15.07 23.99 23.64
N ARG A 255 16.38 24.11 23.73
N ARG A 255 16.38 24.11 23.73
CA ARG A 255 17.08 24.04 25.02
CA ARG A 255 17.07 24.05 25.02
C ARG A 255 16.66 25.17 25.97
C ARG A 255 16.66 25.17 25.97
N ALA A 256 16.46 26.36 25.43
CA ALA A 256 16.00 27.51 26.22
C ALA A 256 14.56 27.31 26.73
N TYR A 257 13.72 26.73 25.89
CA TYR A 257 12.31 26.60 26.19
C TYR A 257 11.99 25.43 27.11
N ARG A 258 12.76 24.36 27.03
CA ARG A 258 12.56 23.15 27.84
C ARG A 258 11.15 22.56 27.64
N PRO A 259 10.80 22.20 26.39
CA PRO A 259 9.51 21.58 26.17
C PRO A 259 9.50 20.19 26.83
N GLN A 260 8.31 19.73 27.20
CA GLN A 260 8.14 18.36 27.71
C GLN A 260 7.90 17.32 26.60
N LEU A 261 7.64 17.82 25.40
CA LEU A 261 7.46 17.01 24.20
C LEU A 261 7.89 17.86 23.02
N ILE A 262 8.62 17.26 22.08
CA ILE A 262 8.90 17.88 20.78
C ILE A 262 8.07 17.18 19.70
N ILE A 263 7.33 17.98 18.93
CA ILE A 263 6.62 17.51 17.76
C ILE A 263 7.32 18.12 16.55
N VAL A 264 7.74 17.27 15.62
CA VAL A 264 8.33 17.75 14.37
C VAL A 264 7.29 17.69 13.22
N GLY A 265 7.00 18.84 12.62
CA GLY A 265 6.27 18.89 11.34
C GLY A 265 7.28 18.56 10.26
N SER A 266 7.30 17.29 9.84
CA SER A 266 8.35 16.70 9.02
C SER A 266 7.91 16.66 7.55
N GLY A 267 8.19 17.74 6.85
CA GLY A 267 8.03 17.76 5.40
C GLY A 267 9.37 17.50 4.74
N PHE A 268 9.35 17.04 3.49
CA PHE A 268 10.57 16.82 2.73
C PHE A 268 10.54 17.61 1.44
N ASP A 269 9.76 18.68 1.42
CA ASP A 269 9.68 19.55 0.25
C ASP A 269 10.88 20.50 0.12
N ALA A 270 11.78 20.51 1.12
CA ALA A 270 13.09 21.18 1.00
C ALA A 270 14.10 20.31 0.23
N SER A 271 13.69 19.13 -0.26
CA SER A 271 14.64 18.25 -0.94
C SER A 271 15.11 18.87 -2.26
N MET A 272 16.29 18.42 -2.67
CA MET A 272 16.94 18.83 -3.90
C MET A 272 16.10 18.66 -5.15
N LEU A 273 15.15 17.71 -5.15
CA LEU A 273 14.34 17.42 -6.36
C LEU A 273 12.87 17.81 -6.18
N ASP A 274 12.55 18.65 -5.22
CA ASP A 274 11.12 19.00 -5.05
C ASP A 274 10.66 20.06 -6.08
N PRO A 275 9.51 19.84 -6.74
CA PRO A 275 8.98 20.87 -7.64
C PRO A 275 8.44 22.12 -6.94
N LEU A 276 8.04 21.99 -5.67
CA LEU A 276 7.30 23.09 -5.00
C LEU A 276 8.16 23.98 -4.12
N ALA A 277 9.47 23.81 -4.19
CA ALA A 277 10.38 24.76 -3.59
C ALA A 277 11.75 24.62 -4.28
N ARG A 278 12.68 25.48 -3.89
CA ARG A 278 13.97 25.68 -4.58
C ARG A 278 15.13 25.36 -3.66
N MET A 279 14.94 24.47 -2.69
CA MET A 279 15.99 24.18 -1.73
C MET A 279 16.75 22.92 -2.12
N MET A 280 17.86 22.68 -1.44
CA MET A 280 18.88 21.70 -1.85
C MET A 280 19.21 20.66 -0.80
N VAL A 281 18.23 20.33 0.04
CA VAL A 281 18.50 19.37 1.11
C VAL A 281 18.48 17.97 0.54
N THR A 282 19.41 17.14 0.98
CA THR A 282 19.48 15.75 0.56
C THR A 282 19.00 14.85 1.70
N ALA A 283 18.82 13.57 1.39
CA ALA A 283 18.45 12.59 2.40
C ALA A 283 19.44 12.65 3.56
N ASP A 284 20.73 12.78 3.25
CA ASP A 284 21.74 12.90 4.30
C ASP A 284 21.55 14.17 5.13
N GLY A 285 21.09 15.26 4.52
CA GLY A 285 20.74 16.46 5.27
C GLY A 285 19.58 16.22 6.24
N PHE A 286 18.51 15.63 5.72
CA PHE A 286 17.37 15.29 6.60
C PHE A 286 17.79 14.33 7.72
N ARG A 287 18.66 13.37 7.39
CA ARG A 287 19.21 12.44 8.39
C ARG A 287 19.86 13.18 9.54
N GLN A 288 20.75 14.12 9.21
CA GLN A 288 21.47 14.88 10.22
C GLN A 288 20.53 15.79 11.03
N MET A 289 19.54 16.38 10.35
CA MET A 289 18.51 17.18 11.05
C MET A 289 17.73 16.32 12.07
N ALA A 290 17.30 15.14 11.63
CA ALA A 290 16.59 14.21 12.50
C ALA A 290 17.49 13.75 13.68
N ARG A 291 18.73 13.33 13.41
CA ARG A 291 19.69 12.90 14.44
C ARG A 291 19.84 13.96 15.54
N ARG A 292 20.10 15.18 15.11
CA ARG A 292 20.23 16.32 16.02
C ARG A 292 19.02 16.54 16.89
N THR A 293 17.83 16.45 16.29
CA THR A 293 16.60 16.76 16.99
C THR A 293 16.23 15.64 18.00
N ILE A 294 16.42 14.39 17.59
CA ILE A 294 16.23 13.23 18.46
C ILE A 294 17.20 13.29 19.66
N ASP A 295 18.47 13.62 19.40
CA ASP A 295 19.48 13.74 20.47
C ASP A 295 19.15 14.88 21.41
N CYS A 296 18.60 15.98 20.87
CA CYS A 296 18.13 17.08 21.70
C CYS A 296 17.00 16.62 22.61
N ALA A 297 16.00 15.93 22.04
CA ALA A 297 14.91 15.36 22.84
C ALA A 297 15.45 14.47 23.98
N ALA A 298 16.44 13.64 23.68
CA ALA A 298 17.07 12.76 24.69
C ALA A 298 17.66 13.58 25.82
N ASP A 299 18.28 14.72 25.48
CA ASP A 299 18.89 15.60 26.47
C ASP A 299 17.89 16.35 27.33
N ILE A 300 16.76 16.79 26.77
CA ILE A 300 15.89 17.75 27.46
C ILE A 300 14.49 17.28 27.84
N CYS A 301 13.94 16.25 27.19
CA CYS A 301 12.58 15.83 27.50
C CYS A 301 12.40 14.32 27.43
N ASP A 302 13.42 13.62 27.94
CA ASP A 302 13.38 12.18 28.12
C ASP A 302 13.12 11.44 26.79
N GLY A 303 13.65 11.99 25.70
CA GLY A 303 13.52 11.40 24.38
C GLY A 303 12.15 11.51 23.73
N ARG A 304 11.26 12.30 24.28
CA ARG A 304 9.87 12.36 23.81
C ARG A 304 9.77 13.20 22.54
N ILE A 305 9.80 12.52 21.41
CA ILE A 305 9.79 13.20 20.11
C ILE A 305 8.84 12.46 19.17
N VAL A 306 7.96 13.22 18.52
CA VAL A 306 6.96 12.72 17.59
C VAL A 306 7.11 13.44 16.27
N PHE A 307 7.42 12.70 15.21
CA PHE A 307 7.46 13.26 13.85
C PHE A 307 6.09 13.07 13.18
N VAL A 308 5.59 14.11 12.52
CA VAL A 308 4.29 14.07 11.84
C VAL A 308 4.52 14.59 10.42
N GLN A 309 4.17 13.77 9.45
CA GLN A 309 4.37 14.13 8.05
C GLN A 309 3.63 15.42 7.66
N GLU A 310 4.37 16.34 7.04
CA GLU A 310 3.81 17.50 6.38
C GLU A 310 3.94 17.32 4.84
N GLY A 311 4.50 18.27 4.11
CA GLY A 311 4.55 18.20 2.64
C GLY A 311 5.74 17.45 2.06
N GLY A 312 5.97 17.66 0.77
CA GLY A 312 6.99 16.92 0.01
C GLY A 312 6.32 16.33 -1.23
N TYR A 313 6.92 16.59 -2.40
CA TYR A 313 6.24 16.39 -3.69
C TYR A 313 7.07 15.66 -4.74
N SER A 314 8.18 15.08 -4.34
CA SER A 314 8.96 14.24 -5.26
C SER A 314 8.62 12.76 -4.96
N PRO A 315 7.82 12.09 -5.81
CA PRO A 315 7.56 10.69 -5.55
C PRO A 315 8.82 9.86 -5.74
N HIS A 316 9.75 10.38 -6.51
CA HIS A 316 11.06 9.70 -6.77
C HIS A 316 11.94 9.72 -5.52
N TYR A 317 12.10 10.90 -4.92
CA TYR A 317 13.12 11.09 -3.90
C TYR A 317 12.62 11.17 -2.45
N LEU A 318 11.42 11.71 -2.24
CA LEU A 318 10.86 11.82 -0.90
C LEU A 318 10.97 10.49 -0.11
N PRO A 319 10.68 9.32 -0.71
CA PRO A 319 10.80 8.09 0.09
C PRO A 319 12.15 7.89 0.76
N PHE A 320 13.22 8.25 0.07
CA PHE A 320 14.57 8.13 0.66
C PHE A 320 14.87 9.17 1.72
N CYS A 321 14.32 10.37 1.58
CA CYS A 321 14.44 11.41 2.61
C CYS A 321 13.73 10.95 3.87
N GLY A 322 12.51 10.46 3.70
CA GLY A 322 11.73 9.90 4.79
C GLY A 322 12.37 8.72 5.44
N LEU A 323 12.88 7.81 4.63
CA LEU A 323 13.52 6.60 5.18
C LEU A 323 14.72 6.95 6.07
N ALA A 324 15.48 7.96 5.67
CA ALA A 324 16.62 8.40 6.46
C ALA A 324 16.20 8.83 7.86
N VAL A 325 15.08 9.53 7.97
CA VAL A 325 14.54 9.94 9.26
C VAL A 325 14.11 8.72 10.06
N ILE A 326 13.39 7.81 9.41
CA ILE A 326 12.98 6.53 10.08
C ILE A 326 14.21 5.75 10.62
N GLU A 327 15.26 5.69 9.80
CA GLU A 327 16.51 5.01 10.19
C GLU A 327 17.16 5.66 11.42
N GLU A 328 17.09 6.98 11.52
CA GLU A 328 17.62 7.63 12.72
C GLU A 328 16.81 7.34 13.98
N LEU A 329 15.50 7.10 13.83
CA LEU A 329 14.66 6.67 14.94
C LEU A 329 14.96 5.22 15.35
N THR A 330 15.12 4.34 14.37
CA THR A 330 15.30 2.91 14.68
C THR A 330 16.74 2.58 15.02
N GLY A 331 17.67 3.38 14.49
CA GLY A 331 19.08 3.09 14.57
C GLY A 331 19.57 1.98 13.66
N VAL A 332 18.74 1.56 12.70
CA VAL A 332 19.08 0.50 11.77
C VAL A 332 19.27 1.14 10.40
N ARG A 333 20.53 1.28 9.98
CA ARG A 333 20.91 2.03 8.79
C ARG A 333 21.29 1.06 7.68
N SER A 334 20.26 0.49 7.04
CA SER A 334 20.41 -0.68 6.21
C SER A 334 20.25 -0.46 4.69
N LEU A 335 19.99 0.79 4.26
CA LEU A 335 19.85 1.07 2.83
C LEU A 335 20.51 2.38 2.46
N PRO A 336 21.30 2.40 1.38
CA PRO A 336 21.83 3.70 0.93
C PRO A 336 20.77 4.56 0.25
N ASP A 337 21.02 5.86 0.22
CA ASP A 337 20.31 6.76 -0.68
C ASP A 337 20.92 6.54 -2.06
N PRO A 338 20.16 5.94 -3.00
CA PRO A 338 20.78 5.70 -4.32
C PRO A 338 21.01 6.96 -5.18
N TYR A 339 20.45 8.09 -4.75
CA TYR A 339 20.69 9.40 -5.42
C TYR A 339 21.88 10.14 -4.82
N HIS A 340 22.56 9.58 -3.83
CA HIS A 340 23.47 10.37 -3.00
C HIS A 340 24.57 11.03 -3.83
N GLU A 341 25.26 10.23 -4.62
CA GLU A 341 26.38 10.75 -5.41
C GLU A 341 25.89 11.71 -6.48
N PHE A 342 24.81 11.37 -7.17
CA PHE A 342 24.21 12.24 -8.18
C PHE A 342 23.86 13.64 -7.63
N LEU A 343 23.27 13.70 -6.45
CA LEU A 343 22.84 14.99 -5.86
C LEU A 343 23.94 15.73 -5.11
N ALA A 344 24.89 14.98 -4.53
CA ALA A 344 25.98 15.58 -3.73
C ALA A 344 26.89 16.54 -4.52
N GLY A 345 27.06 16.31 -5.82
CA GLY A 345 27.83 17.25 -6.65
C GLY A 345 27.13 18.55 -7.05
N MET A 346 25.80 18.62 -6.83
CA MET A 346 25.04 19.83 -7.16
C MET A 346 25.25 21.01 -6.22
N GLY A 347 25.77 20.77 -5.03
CA GLY A 347 26.07 21.86 -4.11
C GLY A 347 25.08 21.95 -2.95
N GLY A 348 25.02 23.12 -2.34
CA GLY A 348 24.25 23.32 -1.11
C GLY A 348 25.04 22.99 0.15
N ASN A 349 26.27 22.48 0.01
CA ASN A 349 27.05 21.95 1.12
C ASN A 349 28.03 22.96 1.68
N THR A 350 27.99 24.19 1.18
CA THR A 350 28.80 25.28 1.71
C THR A 350 27.88 26.37 2.20
N LEU A 351 28.16 26.87 3.41
CA LEU A 351 27.31 27.92 3.97
C LEU A 351 27.63 29.27 3.28
N LEU A 352 26.72 29.73 2.44
CA LEU A 352 26.90 30.99 1.74
C LEU A 352 26.66 32.16 2.69
N ASP A 353 27.28 33.28 2.41
CA ASP A 353 27.12 34.47 3.26
C ASP A 353 25.65 34.86 3.44
N ALA A 354 24.88 34.88 2.35
CA ALA A 354 23.47 35.25 2.42
C ALA A 354 22.67 34.28 3.28
N GLU A 355 23.00 32.99 3.22
CA GLU A 355 22.33 31.97 4.06
C GLU A 355 22.66 32.17 5.55
N ARG A 356 23.95 32.34 5.82
CA ARG A 356 24.45 32.61 7.18
C ARG A 356 23.78 33.85 7.79
N ALA A 357 23.71 34.93 7.04
CA ALA A 357 23.11 36.17 7.54
C ALA A 357 21.61 36.04 7.82
N ALA A 358 20.88 35.33 6.96
CA ALA A 358 19.45 35.07 7.19
C ALA A 358 19.22 34.36 8.53
N ILE A 359 20.09 33.40 8.84
CA ILE A 359 20.01 32.62 10.07
C ILE A 359 20.37 33.47 11.29
N GLU A 360 21.45 34.23 11.14
CA GLU A 360 21.93 35.08 12.22
C GLU A 360 20.90 36.17 12.60
N GLU A 361 20.02 36.55 11.68
CA GLU A 361 18.91 37.46 12.05
C GLU A 361 18.03 36.97 13.20
N ILE A 362 17.98 35.66 13.42
CA ILE A 362 17.09 35.08 14.41
C ILE A 362 17.78 34.91 15.74
N VAL A 363 19.12 34.83 15.76
CA VAL A 363 19.80 34.49 17.02
C VAL A 363 19.52 35.44 18.22
N PRO A 364 19.39 36.76 17.96
CA PRO A 364 19.07 37.66 19.09
C PRO A 364 17.67 37.43 19.70
N LEU A 365 16.78 36.76 18.98
CA LEU A 365 15.42 36.45 19.49
C LEU A 365 15.44 35.34 20.54
N LEU A 366 16.52 34.55 20.58
CA LEU A 366 16.64 33.42 21.51
C LEU A 366 16.54 33.85 22.98
N ALA A 367 17.01 35.06 23.28
CA ALA A 367 17.03 35.57 24.65
C ALA A 367 15.63 35.84 25.21
N ASP A 368 14.63 35.96 24.35
CA ASP A 368 13.25 36.21 24.79
C ASP A 368 12.44 34.94 24.99
N ILE A 369 13.07 33.78 24.85
CA ILE A 369 12.39 32.50 25.14
C ILE A 369 12.68 32.18 26.59
N ARG A 370 11.71 32.48 27.46
CA ARG A 370 11.81 32.18 28.89
C ARG A 370 11.04 30.90 29.23
N HIS B 1 -12.74 -24.34 15.22
CA HIS B 1 -11.69 -23.29 15.20
C HIS B 1 -11.89 -22.30 14.04
N HIS B 2 -11.64 -21.01 14.32
CA HIS B 2 -11.77 -19.94 13.33
C HIS B 2 -10.64 -18.92 13.46
N ALA B 3 -9.76 -18.92 12.49
CA ALA B 3 -8.71 -17.91 12.39
C ALA B 3 -8.27 -17.90 10.93
N ILE B 4 -8.41 -16.73 10.29
CA ILE B 4 -8.24 -16.63 8.83
C ILE B 4 -6.95 -15.89 8.53
N GLY B 5 -6.00 -16.59 7.90
CA GLY B 5 -4.73 -16.01 7.51
C GLY B 5 -4.87 -15.14 6.27
N TYR B 6 -4.01 -14.14 6.17
CA TYR B 6 -4.00 -13.20 5.04
C TYR B 6 -2.55 -12.83 4.75
N VAL B 7 -2.12 -13.04 3.52
CA VAL B 7 -0.75 -12.72 3.11
C VAL B 7 -0.79 -11.57 2.09
N TRP B 8 -0.17 -10.45 2.46
CA TRP B 8 0.20 -9.38 1.51
C TRP B 8 1.62 -8.96 1.85
N ASN B 9 2.43 -8.76 0.82
CA ASN B 9 3.80 -8.29 0.96
C ASN B 9 3.88 -7.10 0.04
N THR B 10 4.46 -6.01 0.54
CA THR B 10 4.65 -4.80 -0.24
C THR B 10 5.20 -5.04 -1.64
N LEU B 11 6.17 -5.94 -1.77
CA LEU B 11 6.81 -6.18 -3.03
C LEU B 11 5.89 -6.80 -4.07
N TYR B 12 4.81 -7.46 -3.64
CA TYR B 12 3.80 -7.93 -4.60
C TYR B 12 3.30 -6.76 -5.48
N GLY B 13 3.27 -5.55 -4.91
CA GLY B 13 2.83 -4.35 -5.63
C GLY B 13 3.94 -3.70 -6.48
N TRP B 14 5.17 -4.19 -6.41
CA TRP B 14 6.33 -3.60 -7.07
C TRP B 14 6.82 -4.37 -8.30
N VAL B 15 6.08 -5.40 -8.71
CA VAL B 15 6.40 -6.19 -9.88
C VAL B 15 6.44 -5.26 -11.09
N ASP B 16 7.55 -5.26 -11.81
CA ASP B 16 7.71 -4.39 -12.95
C ASP B 16 7.21 -5.12 -14.20
N THR B 17 6.01 -4.75 -14.63
CA THR B 17 5.40 -5.30 -15.84
C THR B 17 5.79 -4.51 -17.10
N GLY B 18 6.62 -3.48 -16.96
CA GLY B 18 7.25 -2.81 -18.09
C GLY B 18 6.44 -1.64 -18.63
N THR B 19 6.60 -1.37 -19.92
CA THR B 19 5.92 -0.24 -20.58
C THR B 19 5.04 -0.64 -21.78
N GLY B 20 4.90 -1.94 -22.00
CA GLY B 20 3.98 -2.45 -23.00
C GLY B 20 2.58 -2.70 -22.45
N SER B 21 1.69 -3.13 -23.34
CA SER B 21 0.31 -3.46 -23.01
C SER B 21 0.16 -4.91 -22.57
N LEU B 22 0.89 -5.79 -23.24
CA LEU B 22 0.74 -7.21 -23.09
C LEU B 22 2.11 -7.78 -23.47
N ALA B 23 2.46 -7.71 -24.75
CA ALA B 23 3.87 -7.79 -25.13
C ALA B 23 4.48 -6.43 -24.83
N ALA B 24 5.80 -6.32 -25.02
CA ALA B 24 6.49 -5.06 -24.82
C ALA B 24 6.01 -3.98 -25.82
N ALA B 25 6.23 -2.72 -25.49
CA ALA B 25 6.08 -1.65 -26.45
C ALA B 25 6.99 -1.93 -27.64
N ASN B 26 6.59 -1.48 -28.82
CA ASN B 26 7.26 -1.90 -30.03
C ASN B 26 7.05 -0.85 -31.09
N LEU B 27 8.10 -0.08 -31.35
CA LEU B 27 8.03 1.02 -32.31
C LEU B 27 7.74 0.60 -33.73
N THR B 28 8.40 -0.46 -34.22
CA THR B 28 8.17 -0.87 -35.59
C THR B 28 6.76 -1.38 -35.81
N ALA B 29 6.18 -2.03 -34.80
CA ALA B 29 4.79 -2.46 -34.81
C ALA B 29 3.81 -1.32 -34.47
N ARG B 30 4.34 -0.16 -34.08
CA ARG B 30 3.56 1.00 -33.60
C ARG B 30 2.66 0.65 -32.43
N MET B 31 3.20 -0.14 -31.50
CA MET B 31 2.54 -0.39 -30.23
C MET B 31 3.12 0.63 -29.28
N GLN B 32 2.35 1.68 -29.04
CA GLN B 32 2.75 2.82 -28.20
C GLN B 32 2.95 2.41 -26.74
N PRO B 33 4.00 2.93 -26.08
CA PRO B 33 4.08 2.69 -24.63
C PRO B 33 2.87 3.17 -23.86
N ILE B 34 2.65 2.55 -22.71
CA ILE B 34 1.56 2.88 -21.84
C ILE B 34 2.02 2.73 -20.38
N SER B 35 1.45 3.50 -19.47
CA SER B 35 1.82 3.47 -18.04
C SER B 35 1.47 2.14 -17.36
N HIS B 36 0.30 1.62 -17.67
CA HIS B 36 -0.22 0.43 -17.03
C HIS B 36 -0.39 -0.70 -18.03
N HIS B 37 0.57 -1.61 -18.01
CA HIS B 37 0.44 -2.93 -18.62
C HIS B 37 -0.86 -3.59 -18.09
N LEU B 38 -1.49 -4.41 -18.91
CA LEU B 38 -2.72 -5.12 -18.50
C LEU B 38 -2.58 -5.82 -17.15
N ALA B 39 -1.44 -6.46 -16.94
CA ALA B 39 -1.09 -7.17 -15.71
C ALA B 39 -0.43 -6.35 -14.60
N HIS B 40 -0.46 -5.02 -14.71
CA HIS B 40 0.19 -4.15 -13.76
C HIS B 40 -0.22 -4.49 -12.33
N PRO B 41 0.73 -4.39 -11.36
CA PRO B 41 0.43 -4.82 -9.98
C PRO B 41 -0.64 -4.01 -9.22
N ASP B 42 -0.96 -2.80 -9.69
CA ASP B 42 -1.99 -1.95 -9.05
C ASP B 42 -3.34 -2.64 -8.87
N THR B 43 -3.71 -3.53 -9.80
CA THR B 43 -4.99 -4.22 -9.69
C THR B 43 -5.07 -5.02 -8.35
N LYS B 44 -4.05 -5.80 -8.08
CA LYS B 44 -4.02 -6.62 -6.85
C LYS B 44 -3.76 -5.73 -5.64
N ARG B 45 -2.95 -4.69 -5.80
CA ARG B 45 -2.74 -3.74 -4.70
C ARG B 45 -4.04 -3.07 -4.25
N ARG B 46 -4.90 -2.72 -5.22
CA ARG B 46 -6.19 -2.13 -4.91
C ARG B 46 -7.10 -3.09 -4.15
N PHE B 47 -6.98 -4.38 -4.45
CA PHE B 47 -7.66 -5.43 -3.67
C PHE B 47 -7.17 -5.40 -2.22
N HIS B 48 -5.85 -5.43 -2.03
CA HIS B 48 -5.29 -5.33 -0.68
C HIS B 48 -5.75 -4.08 0.09
N GLU B 49 -5.69 -2.93 -0.57
CA GLU B 49 -6.08 -1.67 0.06
C GLU B 49 -7.54 -1.67 0.43
N LEU B 50 -8.38 -2.32 -0.39
CA LEU B 50 -9.80 -2.48 -0.03
C LEU B 50 -10.00 -3.42 1.18
N VAL B 51 -9.22 -4.51 1.24
CA VAL B 51 -9.24 -5.39 2.43
C VAL B 51 -8.97 -4.58 3.69
N CYS B 52 -8.04 -3.64 3.60
CA CYS B 52 -7.73 -2.80 4.72
C CYS B 52 -8.79 -1.73 4.99
N ALA B 53 -9.15 -0.95 3.96
CA ALA B 53 -10.05 0.20 4.12
C ALA B 53 -11.48 -0.22 4.46
N SER B 54 -11.86 -1.42 4.04
CA SER B 54 -13.19 -2.00 4.35
C SER B 54 -13.30 -2.45 5.81
N GLY B 55 -12.16 -2.54 6.49
CA GLY B 55 -12.09 -3.08 7.83
C GLY B 55 -12.01 -4.59 7.91
N GLN B 56 -11.95 -5.29 6.77
CA GLN B 56 -11.79 -6.75 6.81
C GLN B 56 -10.48 -7.17 7.44
N ILE B 57 -9.44 -6.35 7.27
CA ILE B 57 -8.14 -6.64 7.85
C ILE B 57 -8.16 -6.88 9.39
N GLU B 58 -9.09 -6.20 10.08
N GLU B 58 -9.08 -6.20 10.08
CA GLU B 58 -9.29 -6.38 11.53
CA GLU B 58 -9.27 -6.38 11.52
C GLU B 58 -9.77 -7.78 11.89
C GLU B 58 -9.78 -7.77 11.90
N HIS B 59 -10.39 -8.49 10.94
CA HIS B 59 -10.87 -9.85 11.15
C HIS B 59 -9.93 -10.90 10.57
N LEU B 60 -8.76 -10.48 10.10
CA LEU B 60 -7.82 -11.37 9.51
C LEU B 60 -6.61 -11.45 10.40
N THR B 61 -5.89 -12.56 10.29
CA THR B 61 -4.61 -12.75 10.94
C THR B 61 -3.51 -12.57 9.90
N PRO B 62 -2.86 -11.39 9.88
CA PRO B 62 -1.79 -11.18 8.89
C PRO B 62 -0.62 -12.15 9.04
N ILE B 63 -0.24 -12.77 7.93
CA ILE B 63 0.80 -13.78 7.87
C ILE B 63 1.93 -13.29 6.96
N ALA B 64 3.16 -13.22 7.50
CA ALA B 64 4.29 -12.79 6.70
C ALA B 64 4.64 -13.82 5.63
N ALA B 65 4.88 -13.37 4.41
CA ALA B 65 5.45 -14.25 3.40
C ALA B 65 6.90 -14.56 3.80
N VAL B 66 7.30 -15.80 3.54
CA VAL B 66 8.67 -16.25 3.75
C VAL B 66 9.15 -16.73 2.39
N ALA B 67 10.31 -16.25 1.93
CA ALA B 67 10.81 -16.57 0.59
C ALA B 67 10.92 -18.08 0.34
N ALA B 68 10.34 -18.53 -0.77
CA ALA B 68 10.48 -19.93 -1.17
C ALA B 68 11.94 -20.24 -1.40
N THR B 69 12.42 -21.32 -0.78
CA THR B 69 13.78 -21.77 -0.95
C THR B 69 13.92 -22.49 -2.29
N ASP B 70 15.16 -22.74 -2.69
CA ASP B 70 15.41 -23.55 -3.88
C ASP B 70 14.71 -24.90 -3.76
N ALA B 71 14.81 -25.52 -2.58
CA ALA B 71 14.16 -26.81 -2.31
C ALA B 71 12.65 -26.75 -2.48
N ASP B 72 12.05 -25.66 -2.00
CA ASP B 72 10.62 -25.43 -2.20
C ASP B 72 10.26 -25.37 -3.68
N ILE B 73 11.02 -24.59 -4.44
CA ILE B 73 10.73 -24.41 -5.86
C ILE B 73 10.91 -25.73 -6.64
N LEU B 74 11.93 -26.51 -6.24
CA LEU B 74 12.26 -27.77 -6.93
C LEU B 74 11.21 -28.87 -6.78
N ARG B 75 10.26 -28.72 -5.84
CA ARG B 75 9.14 -29.66 -5.76
C ARG B 75 8.11 -29.46 -6.86
N ALA B 76 8.15 -28.29 -7.50
CA ALA B 76 7.23 -27.95 -8.60
C ALA B 76 7.93 -27.81 -9.94
N HIS B 77 9.22 -27.43 -9.93
CA HIS B 77 9.94 -27.03 -11.13
C HIS B 77 11.30 -27.69 -11.25
N SER B 78 11.82 -27.64 -12.46
CA SER B 78 13.12 -28.20 -12.79
C SER B 78 14.23 -27.30 -12.29
N ALA B 79 15.37 -27.90 -12.02
CA ALA B 79 16.56 -27.16 -11.64
C ALA B 79 16.95 -26.20 -12.74
N ALA B 80 16.80 -26.64 -13.99
CA ALA B 80 17.05 -25.77 -15.13
C ALA B 80 16.21 -24.49 -15.13
N HIS B 81 14.93 -24.62 -14.80
CA HIS B 81 14.05 -23.45 -14.75
C HIS B 81 14.47 -22.51 -13.62
N LEU B 82 14.69 -23.05 -12.43
CA LEU B 82 15.13 -22.26 -11.27
C LEU B 82 16.41 -21.52 -11.60
N GLU B 83 17.40 -22.27 -12.08
CA GLU B 83 18.68 -21.72 -12.52
C GLU B 83 18.50 -20.63 -13.54
N ASN B 84 17.59 -20.83 -14.50
CA ASN B 84 17.30 -19.83 -15.51
C ASN B 84 16.69 -18.56 -14.92
N MET B 85 15.80 -18.71 -13.94
CA MET B 85 15.22 -17.55 -13.26
C MET B 85 16.28 -16.80 -12.45
N LYS B 86 17.17 -17.53 -11.76
CA LYS B 86 18.32 -16.89 -11.07
C LYS B 86 19.14 -16.12 -12.08
N ARG B 87 19.48 -16.78 -13.19
CA ARG B 87 20.24 -16.16 -14.27
C ARG B 87 19.59 -14.88 -14.76
N VAL B 88 18.31 -14.92 -15.14
CA VAL B 88 17.66 -13.71 -15.71
C VAL B 88 17.53 -12.62 -14.63
N SER B 89 17.24 -13.00 -13.40
CA SER B 89 17.18 -12.02 -12.32
C SER B 89 18.58 -11.44 -11.96
N ASN B 90 19.63 -12.27 -12.09
CA ASN B 90 21.04 -11.85 -11.85
C ASN B 90 21.61 -10.92 -12.90
N LEU B 91 21.04 -10.99 -14.11
CA LEU B 91 21.43 -10.13 -15.24
C LEU B 91 21.25 -8.67 -14.82
N PRO B 92 22.21 -7.76 -15.18
CA PRO B 92 22.28 -6.35 -14.72
C PRO B 92 20.97 -5.59 -14.80
N THR B 93 20.23 -5.78 -15.88
CA THR B 93 18.89 -5.38 -15.77
C THR B 93 17.93 -6.44 -15.41
N GLY B 94 17.76 -7.43 -16.28
CA GLY B 94 16.95 -8.61 -15.99
C GLY B 94 16.81 -9.17 -17.37
N GLY B 95 15.66 -9.77 -17.67
CA GLY B 95 15.42 -10.22 -19.04
C GLY B 95 14.16 -11.02 -19.29
N ASP B 96 14.13 -11.58 -20.50
CA ASP B 96 13.06 -12.41 -21.02
C ASP B 96 13.21 -13.79 -20.41
N THR B 97 12.16 -14.24 -19.70
CA THR B 97 12.17 -15.53 -19.04
C THR B 97 12.13 -16.72 -20.01
N GLY B 98 11.78 -16.49 -21.27
CA GLY B 98 11.85 -17.52 -22.33
C GLY B 98 10.83 -17.38 -23.43
N ASP B 99 9.63 -16.91 -23.08
CA ASP B 99 8.47 -16.93 -23.97
C ASP B 99 8.22 -15.62 -24.72
N GLY B 100 9.20 -14.72 -24.69
CA GLY B 100 9.06 -13.40 -25.29
C GLY B 100 7.99 -12.46 -24.72
N ILE B 101 7.47 -12.77 -23.54
N ILE B 101 7.42 -12.79 -23.56
CA ILE B 101 6.41 -12.01 -22.89
CA ILE B 101 6.47 -11.88 -22.87
C ILE B 101 6.59 -11.82 -21.37
C ILE B 101 6.61 -11.80 -21.34
N THR B 102 6.92 -12.90 -20.66
CA THR B 102 7.04 -12.89 -19.20
C THR B 102 8.45 -12.42 -18.83
N MET B 103 8.51 -11.22 -18.28
CA MET B 103 9.76 -10.54 -17.98
C MET B 103 9.94 -10.39 -16.50
N MET B 104 11.19 -10.29 -16.09
CA MET B 104 11.56 -10.16 -14.70
C MET B 104 12.71 -9.15 -14.60
N GLY B 105 12.62 -8.23 -13.62
CA GLY B 105 13.64 -7.20 -13.40
C GLY B 105 14.89 -7.78 -12.76
N ASN B 106 15.96 -6.99 -12.63
CA ASN B 106 17.10 -7.37 -11.76
C ASN B 106 16.47 -7.56 -10.39
N GLY B 107 16.84 -8.64 -9.70
CA GLY B 107 16.26 -8.92 -8.41
C GLY B 107 14.78 -9.32 -8.39
N GLY B 108 14.12 -9.41 -9.55
CA GLY B 108 12.70 -9.79 -9.58
C GLY B 108 12.41 -11.19 -9.03
N LEU B 109 13.44 -12.03 -9.00
CA LEU B 109 13.34 -13.34 -8.37
C LEU B 109 12.94 -13.23 -6.91
N GLU B 110 13.41 -12.19 -6.23
CA GLU B 110 13.00 -11.93 -4.83
C GLU B 110 11.46 -11.93 -4.69
N ILE B 111 10.77 -11.28 -5.63
CA ILE B 111 9.30 -11.21 -5.54
C ILE B 111 8.68 -12.57 -5.88
N ALA B 112 9.22 -13.23 -6.91
CA ALA B 112 8.74 -14.58 -7.28
C ALA B 112 8.86 -15.53 -6.09
N ARG B 113 9.97 -15.48 -5.35
CA ARG B 113 10.12 -16.33 -4.15
C ARG B 113 9.11 -16.00 -3.06
N LEU B 114 8.89 -14.70 -2.83
CA LEU B 114 7.96 -14.25 -1.81
C LEU B 114 6.52 -14.58 -2.19
N SER B 115 6.23 -14.62 -3.48
CA SER B 115 4.91 -15.00 -3.96
C SER B 115 4.67 -16.50 -3.71
N ALA B 116 5.59 -17.35 -4.17
CA ALA B 116 5.42 -18.81 -3.93
C ALA B 116 5.50 -19.09 -2.44
N GLY B 117 6.37 -18.37 -1.76
CA GLY B 117 6.57 -18.50 -0.32
C GLY B 117 5.38 -18.08 0.53
N GLY B 118 4.64 -17.07 0.09
CA GLY B 118 3.37 -16.70 0.69
C GLY B 118 2.34 -17.82 0.64
N ALA B 119 2.27 -18.50 -0.48
CA ALA B 119 1.36 -19.64 -0.62
C ALA B 119 1.78 -20.78 0.31
N VAL B 120 3.09 -21.05 0.35
CA VAL B 120 3.67 -22.10 1.23
C VAL B 120 3.41 -21.81 2.70
N GLU B 121 3.72 -20.59 3.12
CA GLU B 121 3.51 -20.21 4.52
C GLU B 121 2.10 -20.39 4.98
N LEU B 122 1.15 -19.94 4.15
CA LEU B 122 -0.25 -20.03 4.52
C LEU B 122 -0.70 -21.50 4.54
N THR B 123 -0.19 -22.28 3.58
CA THR B 123 -0.48 -23.72 3.54
C THR B 123 -0.02 -24.42 4.82
N ARG B 124 1.22 -24.15 5.23
CA ARG B 124 1.77 -24.67 6.49
C ARG B 124 0.88 -24.34 7.68
N ARG B 125 0.51 -23.07 7.84
CA ARG B 125 -0.22 -22.62 9.01
C ARG B 125 -1.67 -23.09 9.06
N VAL B 126 -2.28 -23.30 7.90
CA VAL B 126 -3.60 -23.90 7.83
C VAL B 126 -3.51 -25.40 8.12
N ALA B 127 -2.55 -26.08 7.49
CA ALA B 127 -2.37 -27.54 7.62
C ALA B 127 -2.11 -27.94 9.08
N THR B 128 -1.35 -27.11 9.81
CA THR B 128 -1.04 -27.38 11.24
C THR B 128 -2.23 -27.18 12.16
N GLY B 129 -3.22 -26.42 11.73
CA GLY B 129 -4.35 -26.06 12.55
C GLY B 129 -4.18 -24.75 13.28
N GLU B 130 -3.06 -24.05 13.07
CA GLU B 130 -2.90 -22.70 13.61
C GLU B 130 -3.99 -21.80 13.05
N LEU B 131 -4.24 -21.94 11.75
CA LEU B 131 -5.30 -21.23 11.06
C LEU B 131 -6.31 -22.22 10.55
N SER B 132 -7.56 -21.79 10.46
CA SER B 132 -8.61 -22.61 9.86
C SER B 132 -8.65 -22.51 8.33
N ALA B 133 -8.23 -21.37 7.78
CA ALA B 133 -8.26 -21.14 6.33
C ALA B 133 -7.52 -19.85 6.05
N GLY B 134 -7.36 -19.50 4.79
CA GLY B 134 -6.76 -18.19 4.49
C GLY B 134 -6.79 -17.75 3.05
N TYR B 135 -6.29 -16.54 2.81
CA TYR B 135 -6.15 -15.97 1.46
C TYR B 135 -4.73 -15.40 1.31
N ALA B 136 -3.98 -15.91 0.35
CA ALA B 136 -2.65 -15.42 0.01
C ALA B 136 -2.78 -14.54 -1.22
N LEU B 137 -2.73 -13.22 -1.01
CA LEU B 137 -2.92 -12.25 -2.09
C LEU B 137 -1.59 -11.98 -2.75
N VAL B 138 -1.11 -12.97 -3.47
CA VAL B 138 0.24 -12.95 -3.97
C VAL B 138 0.32 -12.37 -5.39
N ASN B 139 1.55 -12.07 -5.81
CA ASN B 139 1.86 -11.56 -7.14
C ASN B 139 3.38 -11.62 -7.28
N PRO B 140 3.91 -12.18 -8.38
CA PRO B 140 3.27 -12.67 -9.60
C PRO B 140 2.43 -13.96 -9.45
N PRO B 141 1.52 -14.21 -10.41
CA PRO B 141 0.65 -15.39 -10.37
C PRO B 141 1.45 -16.63 -10.78
N GLY B 142 0.78 -17.78 -10.76
CA GLY B 142 1.47 -19.05 -10.92
C GLY B 142 0.98 -20.06 -11.93
N HIS B 143 -0.33 -20.11 -12.20
CA HIS B 143 -0.89 -21.33 -12.79
C HIS B 143 -0.50 -21.70 -14.23
N HIS B 144 0.02 -20.74 -14.99
CA HIS B 144 0.55 -21.02 -16.31
C HIS B 144 1.96 -21.61 -16.36
N ALA B 145 2.74 -21.48 -15.29
CA ALA B 145 4.11 -21.92 -15.29
C ALA B 145 4.15 -23.46 -15.17
N PRO B 146 4.63 -24.16 -16.22
CA PRO B 146 4.74 -25.62 -16.12
C PRO B 146 6.05 -26.00 -15.44
N HIS B 147 6.36 -27.28 -15.41
CA HIS B 147 7.55 -27.76 -14.72
C HIS B 147 8.84 -27.02 -15.15
N ASN B 148 9.01 -26.84 -16.47
N ASN B 148 8.98 -26.78 -16.45
CA ASN B 148 10.28 -26.36 -17.05
CA ASN B 148 10.25 -26.35 -17.05
C ASN B 148 10.31 -24.95 -17.62
C ASN B 148 10.31 -24.94 -17.62
N ALA B 149 9.33 -24.10 -17.30
CA ALA B 149 9.30 -22.74 -17.86
C ALA B 149 8.48 -21.76 -17.06
N ALA B 150 8.72 -20.47 -17.32
CA ALA B 150 7.83 -19.39 -16.98
C ALA B 150 6.88 -19.17 -18.15
N MET B 151 5.66 -18.73 -17.87
CA MET B 151 4.65 -18.53 -18.91
C MET B 151 3.49 -17.71 -18.43
N GLY B 152 2.93 -16.90 -19.33
CA GLY B 152 1.70 -16.14 -19.04
C GLY B 152 1.72 -15.29 -17.77
N PHE B 153 2.79 -14.53 -17.61
CA PHE B 153 3.01 -13.66 -16.43
C PHE B 153 3.40 -14.46 -15.16
N CYS B 154 3.58 -15.79 -15.26
CA CYS B 154 3.88 -16.64 -14.11
C CYS B 154 5.32 -17.13 -14.13
N ILE B 155 6.06 -16.85 -13.05
CA ILE B 155 7.46 -17.26 -12.93
C ILE B 155 7.54 -18.64 -12.30
N PHE B 156 6.88 -18.79 -11.16
CA PHE B 156 6.73 -20.10 -10.48
C PHE B 156 5.27 -20.37 -10.22
N ASN B 157 4.95 -21.65 -10.12
CA ASN B 157 3.60 -22.12 -9.97
C ASN B 157 3.31 -22.20 -8.51
N ASN B 158 2.85 -21.09 -7.96
CA ASN B 158 2.68 -20.90 -6.54
C ASN B 158 1.84 -22.00 -5.89
N THR B 159 0.69 -22.34 -6.49
CA THR B 159 -0.16 -23.34 -5.86
C THR B 159 0.51 -24.74 -5.92
N SER B 160 1.30 -25.00 -6.96
CA SER B 160 1.99 -26.30 -7.08
C SER B 160 3.19 -26.38 -6.12
N VAL B 161 3.87 -25.25 -5.90
CA VAL B 161 4.90 -25.19 -4.84
C VAL B 161 4.26 -25.47 -3.46
N ALA B 162 3.10 -24.86 -3.19
CA ALA B 162 2.38 -25.12 -1.95
C ALA B 162 1.93 -26.58 -1.84
N ALA B 163 1.39 -27.13 -2.94
CA ALA B 163 0.97 -28.55 -2.94
C ALA B 163 2.17 -29.48 -2.73
N GLY B 164 3.29 -29.15 -3.37
CA GLY B 164 4.53 -29.93 -3.29
C GLY B 164 5.04 -29.96 -1.88
N TYR B 165 4.91 -28.81 -1.20
CA TYR B 165 5.23 -28.71 0.22
C TYR B 165 4.28 -29.54 1.11
N ALA B 166 2.98 -29.46 0.87
CA ALA B 166 2.01 -30.25 1.62
C ALA B 166 2.26 -31.76 1.45
N ARG B 167 2.65 -32.18 0.24
CA ARG B 167 2.98 -33.57 -0.10
C ARG B 167 4.28 -34.02 0.57
N ALA B 168 5.38 -33.34 0.28
CA ALA B 168 6.72 -33.77 0.68
C ALA B 168 7.10 -33.44 2.11
N VAL B 169 6.67 -32.27 2.60
CA VAL B 169 7.07 -31.81 3.93
C VAL B 169 6.02 -32.19 4.96
N LEU B 170 4.75 -31.97 4.64
CA LEU B 170 3.68 -32.28 5.58
C LEU B 170 3.16 -33.71 5.42
N GLY B 171 3.60 -34.42 4.38
CA GLY B 171 3.25 -35.85 4.24
C GLY B 171 1.81 -36.13 3.86
N MET B 172 1.13 -35.13 3.29
CA MET B 172 -0.23 -35.35 2.80
C MET B 172 -0.19 -36.28 1.60
N GLU B 173 -1.11 -37.23 1.60
CA GLU B 173 -1.29 -38.22 0.54
C GLU B 173 -2.07 -37.68 -0.67
N ARG B 174 -2.99 -36.76 -0.42
CA ARG B 174 -3.94 -36.25 -1.42
C ARG B 174 -4.12 -34.74 -1.22
N VAL B 175 -3.85 -33.96 -2.26
CA VAL B 175 -4.09 -32.50 -2.27
C VAL B 175 -4.90 -32.21 -3.53
N ALA B 176 -5.81 -31.24 -3.45
CA ALA B 176 -6.55 -30.78 -4.64
C ALA B 176 -6.22 -29.28 -4.90
N ILE B 177 -6.01 -28.97 -6.16
CA ILE B 177 -5.89 -27.59 -6.62
C ILE B 177 -7.11 -27.30 -7.53
N LEU B 178 -7.98 -26.39 -7.09
CA LEU B 178 -9.14 -25.94 -7.86
C LEU B 178 -8.82 -24.56 -8.41
N ASP B 179 -8.75 -24.46 -9.73
CA ASP B 179 -8.32 -23.21 -10.38
C ASP B 179 -9.52 -22.61 -11.11
N TRP B 180 -10.02 -21.47 -10.62
CA TRP B 180 -11.12 -20.76 -11.30
C TRP B 180 -10.73 -19.43 -11.92
N ASP B 181 -9.43 -19.18 -12.06
CA ASP B 181 -8.95 -18.16 -12.96
C ASP B 181 -9.55 -18.52 -14.34
N VAL B 182 -9.90 -17.50 -15.12
CA VAL B 182 -10.62 -17.73 -16.37
C VAL B 182 -9.77 -18.42 -17.47
N HIS B 183 -8.46 -18.40 -17.30
CA HIS B 183 -7.53 -19.03 -18.22
C HIS B 183 -7.17 -20.42 -17.75
N HIS B 184 -6.91 -21.30 -18.69
CA HIS B 184 -6.53 -22.67 -18.36
C HIS B 184 -5.23 -22.74 -17.52
N GLY B 185 -5.28 -23.50 -16.42
CA GLY B 185 -4.12 -23.73 -15.55
C GLY B 185 -3.26 -24.82 -16.17
N ASN B 186 -2.71 -24.52 -17.34
CA ASN B 186 -1.86 -25.48 -18.08
C ASN B 186 -0.58 -25.85 -17.34
N GLY B 187 -0.07 -24.93 -16.53
CA GLY B 187 1.18 -25.18 -15.82
C GLY B 187 0.95 -26.25 -14.76
N THR B 188 -0.10 -26.06 -14.00
CA THR B 188 -0.47 -26.91 -12.91
C THR B 188 -0.81 -28.30 -13.46
N GLN B 189 -1.57 -28.32 -14.54
CA GLN B 189 -1.86 -29.54 -15.30
C GLN B 189 -0.59 -30.31 -15.68
N ASP B 190 0.39 -29.60 -16.23
CA ASP B 190 1.67 -30.17 -16.65
C ASP B 190 2.43 -30.76 -15.46
N ILE B 191 2.51 -29.97 -14.40
CA ILE B 191 3.35 -30.37 -13.26
C ILE B 191 2.87 -31.70 -12.68
N TRP B 192 1.55 -31.85 -12.53
CA TRP B 192 1.01 -33.01 -11.87
C TRP B 192 0.38 -34.04 -12.84
N TRP B 193 0.72 -33.95 -14.12
CA TRP B 193 0.12 -34.74 -15.19
C TRP B 193 0.12 -36.26 -14.91
N ASN B 194 1.26 -36.77 -14.48
CA ASN B 194 1.44 -38.21 -14.18
C ASN B 194 1.12 -38.60 -12.73
N ASP B 195 0.57 -37.67 -11.96
CA ASP B 195 0.52 -37.79 -10.49
C ASP B 195 -0.88 -37.75 -9.90
N PRO B 196 -1.36 -38.89 -9.36
CA PRO B 196 -2.70 -38.91 -8.76
C PRO B 196 -2.82 -38.30 -7.37
N SER B 197 -1.69 -37.93 -6.76
CA SER B 197 -1.68 -37.40 -5.39
C SER B 197 -2.00 -35.92 -5.32
N VAL B 198 -2.06 -35.25 -6.49
CA VAL B 198 -2.57 -33.87 -6.60
C VAL B 198 -3.65 -33.83 -7.69
N LEU B 199 -4.90 -33.75 -7.30
CA LEU B 199 -6.02 -33.58 -8.23
C LEU B 199 -6.01 -32.17 -8.71
N THR B 200 -5.96 -32.00 -10.02
CA THR B 200 -5.87 -30.65 -10.61
C THR B 200 -7.15 -30.38 -11.42
N ILE B 201 -7.87 -29.32 -11.06
CA ILE B 201 -9.14 -28.96 -11.68
C ILE B 201 -9.02 -27.52 -12.20
N SER B 202 -9.43 -27.30 -13.44
CA SER B 202 -9.37 -25.96 -14.03
C SER B 202 -10.70 -25.67 -14.69
N LEU B 203 -11.41 -24.65 -14.19
CA LEU B 203 -12.55 -24.08 -14.90
C LEU B 203 -12.04 -22.90 -15.67
N HIS B 204 -12.40 -22.77 -16.93
CA HIS B 204 -11.84 -21.69 -17.76
C HIS B 204 -12.70 -21.46 -18.98
N GLN B 205 -12.51 -20.28 -19.57
CA GLN B 205 -13.02 -20.01 -20.91
C GLN B 205 -12.26 -20.82 -21.93
N HIS B 206 -12.98 -21.61 -22.73
CA HIS B 206 -12.37 -22.47 -23.74
C HIS B 206 -11.46 -21.72 -24.69
N LEU B 207 -10.18 -22.09 -24.70
CA LEU B 207 -9.17 -21.57 -25.63
C LEU B 207 -8.86 -20.08 -25.47
N CYS B 208 -9.12 -19.53 -24.30
CA CYS B 208 -8.81 -18.12 -24.06
C CYS B 208 -7.29 -17.93 -23.94
N PHE B 209 -6.69 -18.63 -22.99
CA PHE B 209 -5.23 -18.72 -22.91
C PHE B 209 -4.82 -19.90 -22.02
N PRO B 210 -3.87 -20.75 -22.46
CA PRO B 210 -3.17 -20.69 -23.75
C PRO B 210 -4.03 -21.15 -24.92
N PRO B 211 -3.56 -20.91 -26.13
CA PRO B 211 -4.33 -21.43 -27.27
C PRO B 211 -4.16 -22.95 -27.30
N ASP B 212 -5.08 -23.67 -27.91
CA ASP B 212 -4.92 -25.13 -28.07
C ASP B 212 -4.58 -25.92 -26.78
N SER B 213 -5.20 -25.51 -25.68
CA SER B 213 -4.95 -26.05 -24.36
C SER B 213 -6.27 -26.06 -23.54
N GLY B 214 -6.44 -27.01 -22.62
CA GLY B 214 -7.57 -27.05 -21.67
C GLY B 214 -8.81 -27.82 -22.10
N TYR B 215 -8.65 -28.64 -23.14
CA TYR B 215 -9.71 -29.55 -23.61
C TYR B 215 -10.02 -30.60 -22.54
N SER B 216 -11.28 -31.04 -22.51
CA SER B 216 -11.76 -32.06 -21.58
C SER B 216 -11.04 -33.40 -21.72
N THR B 217 -10.44 -33.64 -22.88
CA THR B 217 -9.71 -34.87 -23.17
C THR B 217 -8.31 -34.91 -22.53
N GLU B 218 -7.89 -33.79 -21.93
CA GLU B 218 -6.60 -33.72 -21.27
C GLU B 218 -6.85 -34.18 -19.86
N ARG B 219 -6.51 -35.46 -19.59
CA ARG B 219 -6.93 -36.13 -18.36
C ARG B 219 -5.81 -36.68 -17.46
N GLY B 220 -4.56 -36.38 -17.79
CA GLY B 220 -3.40 -36.94 -17.09
C GLY B 220 -2.91 -38.18 -17.81
N ALA B 221 -1.87 -38.80 -17.28
CA ALA B 221 -1.28 -39.98 -17.90
C ALA B 221 -0.73 -40.91 -16.84
N GLY B 222 -0.57 -42.18 -17.21
CA GLY B 222 -0.11 -43.21 -16.25
C GLY B 222 -1.00 -43.31 -15.03
N ASN B 223 -0.37 -43.36 -13.85
CA ASN B 223 -1.11 -43.40 -12.60
C ASN B 223 -1.94 -42.13 -12.37
N GLY B 224 -1.54 -41.02 -13.00
CA GLY B 224 -2.30 -39.77 -12.94
C GLY B 224 -3.51 -39.70 -13.88
N HIS B 225 -3.70 -40.69 -14.74
CA HIS B 225 -4.85 -40.65 -15.63
C HIS B 225 -6.15 -40.61 -14.86
N GLY B 226 -6.95 -39.59 -15.11
CA GLY B 226 -8.20 -39.36 -14.37
C GLY B 226 -8.11 -38.33 -13.27
N TYR B 227 -6.91 -37.83 -12.99
CA TYR B 227 -6.68 -36.90 -11.87
C TYR B 227 -6.30 -35.48 -12.37
N ASN B 228 -6.65 -35.20 -13.63
CA ASN B 228 -6.72 -33.84 -14.14
C ASN B 228 -8.09 -33.64 -14.78
N ILE B 229 -8.79 -32.57 -14.42
CA ILE B 229 -10.17 -32.29 -14.85
C ILE B 229 -10.23 -30.85 -15.39
N ASN B 230 -10.44 -30.73 -16.69
CA ASN B 230 -10.64 -29.44 -17.35
C ASN B 230 -12.12 -29.24 -17.60
N VAL B 231 -12.59 -28.02 -17.30
CA VAL B 231 -14.01 -27.65 -17.51
C VAL B 231 -14.00 -26.39 -18.40
N PRO B 232 -13.80 -26.61 -19.70
CA PRO B 232 -13.86 -25.49 -20.62
C PRO B 232 -15.30 -25.00 -20.78
N LEU B 233 -15.50 -23.69 -20.67
CA LEU B 233 -16.83 -23.06 -20.78
C LEU B 233 -16.83 -22.04 -21.93
N PRO B 234 -18.00 -21.81 -22.54
CA PRO B 234 -18.05 -20.86 -23.65
C PRO B 234 -17.94 -19.40 -23.18
N PRO B 235 -17.33 -18.56 -24.03
CA PRO B 235 -17.45 -17.10 -23.81
C PRO B 235 -18.90 -16.67 -23.50
N GLY B 236 -19.05 -15.71 -22.60
CA GLY B 236 -20.34 -15.22 -22.18
C GLY B 236 -20.91 -15.94 -20.94
N SER B 237 -20.24 -17.00 -20.50
CA SER B 237 -20.71 -17.74 -19.32
C SER B 237 -20.67 -16.84 -18.09
N GLY B 238 -21.72 -16.93 -17.28
CA GLY B 238 -21.86 -16.11 -16.12
C GLY B 238 -22.08 -16.91 -14.85
N ASN B 239 -22.72 -16.29 -13.87
CA ASN B 239 -22.90 -16.89 -12.56
C ASN B 239 -23.62 -18.24 -12.65
N ALA B 240 -24.64 -18.34 -13.53
CA ALA B 240 -25.43 -19.58 -13.60
C ALA B 240 -24.56 -20.73 -14.11
N ALA B 241 -23.76 -20.48 -15.14
CA ALA B 241 -22.84 -21.50 -15.65
C ALA B 241 -21.82 -21.89 -14.58
N TYR B 242 -21.21 -20.89 -13.96
CA TYR B 242 -20.13 -21.18 -13.00
C TYR B 242 -20.65 -21.97 -11.81
N LEU B 243 -21.84 -21.64 -11.33
CA LEU B 243 -22.43 -22.35 -10.19
C LEU B 243 -22.89 -23.76 -10.57
N HIS B 244 -23.39 -23.92 -11.80
CA HIS B 244 -23.73 -25.25 -12.30
C HIS B 244 -22.46 -26.12 -12.39
N ALA B 245 -21.36 -25.54 -12.87
CA ALA B 245 -20.05 -26.23 -12.91
C ALA B 245 -19.59 -26.63 -11.51
N MET B 246 -19.77 -25.73 -10.54
CA MET B 246 -19.44 -26.06 -9.14
C MET B 246 -20.25 -27.21 -8.61
N ASP B 247 -21.56 -27.16 -8.84
CA ASP B 247 -22.47 -28.14 -8.28
C ASP B 247 -22.40 -29.50 -9.00
N GLN B 248 -22.21 -29.48 -10.30
CA GLN B 248 -22.21 -30.72 -11.08
C GLN B 248 -20.88 -31.41 -11.21
N VAL B 249 -19.78 -30.65 -11.17
CA VAL B 249 -18.46 -31.20 -11.45
C VAL B 249 -17.50 -30.96 -10.28
N VAL B 250 -17.31 -29.69 -9.90
CA VAL B 250 -16.18 -29.37 -9.00
C VAL B 250 -16.33 -30.00 -7.61
N LEU B 251 -17.45 -29.73 -6.98
CA LEU B 251 -17.71 -30.22 -5.64
C LEU B 251 -17.83 -31.76 -5.62
N PRO B 252 -18.53 -32.37 -6.61
CA PRO B 252 -18.49 -33.83 -6.65
C PRO B 252 -17.10 -34.43 -6.83
N ALA B 253 -16.26 -33.78 -7.63
CA ALA B 253 -14.90 -34.24 -7.84
C ALA B 253 -14.09 -34.22 -6.53
N LEU B 254 -14.23 -33.13 -5.78
CA LEU B 254 -13.55 -33.00 -4.52
C LEU B 254 -14.04 -34.04 -3.53
N ARG B 255 -15.35 -34.24 -3.47
CA ARG B 255 -15.91 -35.25 -2.57
C ARG B 255 -15.46 -36.64 -2.90
N ALA B 256 -15.36 -36.94 -4.19
CA ALA B 256 -14.88 -38.26 -4.64
C ALA B 256 -13.42 -38.46 -4.28
N TYR B 257 -12.63 -37.40 -4.40
CA TYR B 257 -11.18 -37.49 -4.25
C TYR B 257 -10.75 -37.50 -2.78
N ARG B 258 -11.49 -36.82 -1.91
CA ARG B 258 -11.18 -36.72 -0.49
C ARG B 258 -9.77 -36.14 -0.26
N PRO B 259 -9.50 -34.94 -0.81
CA PRO B 259 -8.21 -34.32 -0.51
C PRO B 259 -8.09 -33.98 0.97
N GLN B 260 -6.86 -33.97 1.48
CA GLN B 260 -6.59 -33.54 2.87
C GLN B 260 -6.42 -32.02 3.01
N LEU B 261 -6.28 -31.36 1.87
CA LEU B 261 -6.16 -29.91 1.79
C LEU B 261 -6.71 -29.49 0.43
N ILE B 262 -7.49 -28.43 0.40
CA ILE B 262 -7.91 -27.78 -0.86
C ILE B 262 -7.17 -26.46 -1.05
N ILE B 263 -6.50 -26.32 -2.18
CA ILE B 263 -5.88 -25.08 -2.58
C ILE B 263 -6.70 -24.50 -3.76
N VAL B 264 -7.15 -23.25 -3.62
CA VAL B 264 -7.89 -22.58 -4.69
C VAL B 264 -6.99 -21.59 -5.42
N GLY B 265 -6.78 -21.78 -6.71
CA GLY B 265 -6.17 -20.79 -7.57
C GLY B 265 -7.24 -19.76 -7.91
N SER B 266 -7.23 -18.67 -7.15
CA SER B 266 -8.35 -17.73 -7.08
C SER B 266 -8.04 -16.52 -7.96
N GLY B 267 -8.41 -16.63 -9.22
CA GLY B 267 -8.37 -15.49 -10.13
C GLY B 267 -9.75 -14.87 -10.24
N PHE B 268 -9.81 -13.61 -10.64
CA PHE B 268 -11.07 -12.92 -10.84
C PHE B 268 -11.19 -12.38 -12.24
N ASP B 269 -10.43 -12.96 -13.16
CA ASP B 269 -10.48 -12.57 -14.56
C ASP B 269 -11.74 -13.10 -15.29
N ALA B 270 -12.55 -13.93 -14.64
CA ALA B 270 -13.88 -14.29 -15.14
C ALA B 270 -14.90 -13.18 -14.86
N SER B 271 -14.50 -12.06 -14.25
CA SER B 271 -15.46 -11.04 -13.89
C SER B 271 -16.07 -10.39 -15.13
N MET B 272 -17.24 -9.82 -14.92
CA MET B 272 -18.01 -9.14 -15.95
C MET B 272 -17.24 -8.02 -16.65
N LEU B 273 -16.28 -7.40 -15.97
CA LEU B 273 -15.56 -6.25 -16.53
C LEU B 273 -14.10 -6.56 -16.88
N ASP B 274 -13.74 -7.82 -16.98
CA ASP B 274 -12.31 -8.11 -17.24
C ASP B 274 -11.98 -7.93 -18.73
N PRO B 275 -10.85 -7.24 -19.03
CA PRO B 275 -10.44 -7.15 -20.45
C PRO B 275 -9.91 -8.45 -21.05
N LEU B 276 -9.38 -9.35 -20.22
CA LEU B 276 -8.63 -10.53 -20.73
C LEU B 276 -9.45 -11.82 -20.82
N ALA B 277 -10.76 -11.70 -20.64
CA ALA B 277 -11.68 -12.78 -20.96
C ALA B 277 -13.07 -12.20 -21.18
N ARG B 278 -14.01 -13.06 -21.54
CA ARG B 278 -15.36 -12.69 -22.03
C ARG B 278 -16.43 -13.28 -21.13
N MET B 279 -16.13 -13.48 -19.84
CA MET B 279 -17.09 -14.09 -18.93
C MET B 279 -17.81 -13.04 -18.10
N MET B 280 -18.87 -13.48 -17.42
CA MET B 280 -19.86 -12.59 -16.83
C MET B 280 -20.08 -12.80 -15.35
N VAL B 281 -19.03 -13.26 -14.66
CA VAL B 281 -19.18 -13.51 -13.23
C VAL B 281 -19.18 -12.20 -12.49
N THR B 282 -20.05 -12.08 -11.49
CA THR B 282 -20.09 -10.90 -10.64
C THR B 282 -19.48 -11.22 -9.28
N ALA B 283 -19.28 -10.18 -8.49
CA ALA B 283 -18.81 -10.38 -7.10
C ALA B 283 -19.70 -11.35 -6.35
N ASP B 284 -21.01 -11.26 -6.55
CA ASP B 284 -21.93 -12.22 -5.92
C ASP B 284 -21.73 -13.63 -6.44
N GLY B 285 -21.37 -13.79 -7.71
CA GLY B 285 -20.99 -15.12 -8.23
C GLY B 285 -19.76 -15.68 -7.53
N PHE B 286 -18.72 -14.86 -7.43
CA PHE B 286 -17.49 -15.32 -6.74
C PHE B 286 -17.78 -15.62 -5.27
N ARG B 287 -18.65 -14.81 -4.65
CA ARG B 287 -19.07 -15.06 -3.26
C ARG B 287 -19.65 -16.46 -3.10
N GLN B 288 -20.61 -16.79 -3.97
CA GLN B 288 -21.26 -18.09 -3.90
C GLN B 288 -20.29 -19.24 -4.19
N MET B 289 -19.37 -19.03 -5.15
CA MET B 289 -18.32 -20.02 -5.45
C MET B 289 -17.44 -20.30 -4.21
N ALA B 290 -17.02 -19.22 -3.55
CA ALA B 290 -16.21 -19.30 -2.35
C ALA B 290 -16.97 -20.00 -1.23
N ARG B 291 -18.22 -19.58 -0.97
CA ARG B 291 -19.06 -20.18 0.08
C ARG B 291 -19.16 -21.71 -0.09
N ARG B 292 -19.50 -22.12 -1.30
CA ARG B 292 -19.59 -23.54 -1.65
C ARG B 292 -18.31 -24.31 -1.40
N THR B 293 -17.18 -23.73 -1.78
CA THR B 293 -15.90 -24.42 -1.68
C THR B 293 -15.43 -24.53 -0.21
N ILE B 294 -15.61 -23.44 0.55
CA ILE B 294 -15.28 -23.42 1.98
C ILE B 294 -16.14 -24.43 2.74
N ASP B 295 -17.44 -24.48 2.42
CA ASP B 295 -18.35 -25.44 3.04
C ASP B 295 -17.98 -26.89 2.68
N CYS B 296 -17.55 -27.11 1.45
CA CYS B 296 -17.05 -28.43 1.04
C CYS B 296 -15.82 -28.80 1.86
N ALA B 297 -14.86 -27.88 1.98
CA ALA B 297 -13.68 -28.15 2.82
C ALA B 297 -14.09 -28.53 4.26
N ALA B 298 -15.09 -27.84 4.81
CA ALA B 298 -15.57 -28.10 6.17
C ALA B 298 -16.07 -29.54 6.26
N ASP B 299 -16.74 -30.00 5.21
CA ASP B 299 -17.29 -31.35 5.18
C ASP B 299 -16.27 -32.43 5.01
N ILE B 300 -15.21 -32.19 4.22
CA ILE B 300 -14.32 -33.30 3.82
C ILE B 300 -12.86 -33.24 4.29
N CYS B 301 -12.34 -32.08 4.65
CA CYS B 301 -10.94 -32.00 5.08
C CYS B 301 -10.73 -31.02 6.22
N ASP B 302 -11.68 -31.03 7.16
CA ASP B 302 -11.58 -30.30 8.43
C ASP B 302 -11.42 -28.81 8.18
N GLY B 303 -12.05 -28.30 7.12
CA GLY B 303 -12.00 -26.88 6.78
C GLY B 303 -10.69 -26.38 6.20
N ARG B 304 -9.77 -27.28 5.84
CA ARG B 304 -8.44 -26.88 5.40
C ARG B 304 -8.50 -26.37 3.96
N ILE B 305 -8.62 -25.05 3.82
CA ILE B 305 -8.73 -24.44 2.49
C ILE B 305 -7.86 -23.19 2.43
N VAL B 306 -7.07 -23.10 1.36
CA VAL B 306 -6.10 -22.02 1.15
C VAL B 306 -6.39 -21.42 -0.22
N PHE B 307 -6.77 -20.16 -0.24
CA PHE B 307 -6.93 -19.42 -1.50
C PHE B 307 -5.61 -18.74 -1.86
N VAL B 308 -5.22 -18.82 -3.13
CA VAL B 308 -4.00 -18.20 -3.61
C VAL B 308 -4.38 -17.38 -4.85
N GLN B 309 -4.07 -16.09 -4.81
CA GLN B 309 -4.39 -15.20 -5.93
C GLN B 309 -3.74 -15.66 -7.23
N GLU B 310 -4.56 -15.74 -8.29
CA GLU B 310 -4.07 -15.91 -9.66
C GLU B 310 -4.34 -14.60 -10.42
N GLY B 311 -5.01 -14.64 -11.58
CA GLY B 311 -5.17 -13.42 -12.41
C GLY B 311 -6.38 -12.57 -12.09
N GLY B 312 -6.69 -11.68 -13.03
CA GLY B 312 -7.72 -10.66 -12.83
C GLY B 312 -7.15 -9.30 -13.17
N TYR B 313 -7.84 -8.55 -14.04
CA TYR B 313 -7.23 -7.39 -14.73
C TYR B 313 -8.11 -6.16 -14.74
N SER B 314 -9.16 -6.16 -13.92
CA SER B 314 -9.99 -4.95 -13.76
C SER B 314 -9.58 -4.27 -12.44
N PRO B 315 -8.79 -3.18 -12.50
CA PRO B 315 -8.50 -2.48 -11.25
C PRO B 315 -9.73 -1.87 -10.61
N HIS B 316 -10.75 -1.61 -11.42
CA HIS B 316 -12.02 -1.07 -10.95
C HIS B 316 -12.80 -2.10 -10.12
N TYR B 317 -12.96 -3.30 -10.68
CA TYR B 317 -13.92 -4.26 -10.14
C TYR B 317 -13.35 -5.43 -9.37
N LEU B 318 -12.13 -5.87 -9.76
CA LEU B 318 -11.48 -6.97 -9.05
C LEU B 318 -11.47 -6.82 -7.51
N PRO B 319 -11.18 -5.61 -6.98
CA PRO B 319 -11.19 -5.50 -5.51
C PRO B 319 -12.49 -5.97 -4.87
N PHE B 320 -13.64 -5.66 -5.49
CA PHE B 320 -14.94 -6.10 -4.93
C PHE B 320 -15.20 -7.60 -5.09
N CYS B 321 -14.67 -8.19 -6.16
CA CYS B 321 -14.75 -9.67 -6.35
C CYS B 321 -13.94 -10.34 -5.27
N GLY B 322 -12.73 -9.86 -5.07
CA GLY B 322 -11.86 -10.34 -4.04
C GLY B 322 -12.40 -10.18 -2.65
N LEU B 323 -12.92 -8.98 -2.38
CA LEU B 323 -13.46 -8.72 -1.05
C LEU B 323 -14.60 -9.68 -0.69
N ALA B 324 -15.43 -9.99 -1.69
CA ALA B 324 -16.50 -10.94 -1.47
C ALA B 324 -15.99 -12.30 -0.99
N VAL B 325 -14.88 -12.77 -1.55
CA VAL B 325 -14.27 -14.04 -1.13
C VAL B 325 -13.72 -13.90 0.30
N ILE B 326 -13.04 -12.79 0.57
CA ILE B 326 -12.52 -12.51 1.94
C ILE B 326 -13.67 -12.51 2.98
N GLU B 327 -14.77 -11.86 2.63
CA GLU B 327 -15.97 -11.84 3.49
C GLU B 327 -16.54 -13.22 3.78
N GLU B 328 -16.51 -14.11 2.79
CA GLU B 328 -16.94 -15.49 3.04
C GLU B 328 -16.03 -16.27 3.98
N LEU B 329 -14.74 -15.94 3.98
CA LEU B 329 -13.80 -16.53 4.92
C LEU B 329 -14.01 -15.98 6.33
N THR B 330 -14.24 -14.68 6.45
CA THR B 330 -14.32 -14.06 7.76
C THR B 330 -15.72 -14.16 8.34
N GLY B 331 -16.71 -14.28 7.47
CA GLY B 331 -18.10 -14.26 7.86
C GLY B 331 -18.62 -12.89 8.25
N VAL B 332 -17.86 -11.83 7.93
CA VAL B 332 -18.23 -10.45 8.23
C VAL B 332 -18.57 -9.77 6.91
N ARG B 333 -19.85 -9.59 6.64
CA ARG B 333 -20.33 -9.11 5.34
C ARG B 333 -20.78 -7.65 5.46
N SER B 334 -19.80 -6.76 5.40
CA SER B 334 -19.97 -5.37 5.85
C SER B 334 -19.95 -4.30 4.74
N LEU B 335 -19.77 -4.70 3.49
CA LEU B 335 -19.76 -3.74 2.39
C LEU B 335 -20.49 -4.26 1.16
N PRO B 336 -21.33 -3.43 0.53
CA PRO B 336 -21.95 -3.91 -0.70
C PRO B 336 -20.99 -3.84 -1.88
N ASP B 337 -21.27 -4.64 -2.91
CA ASP B 337 -20.68 -4.45 -4.21
C ASP B 337 -21.39 -3.22 -4.83
N PRO B 338 -20.68 -2.08 -4.98
CA PRO B 338 -21.37 -0.92 -5.56
C PRO B 338 -21.70 -1.04 -7.07
N TYR B 339 -21.16 -2.04 -7.75
CA TYR B 339 -21.49 -2.34 -9.15
C TYR B 339 -22.64 -3.32 -9.29
N HIS B 340 -23.23 -3.78 -8.19
CA HIS B 340 -24.13 -4.94 -8.26
C HIS B 340 -25.29 -4.70 -9.22
N GLU B 341 -26.01 -3.60 -9.01
CA GLU B 341 -27.20 -3.32 -9.80
C GLU B 341 -26.85 -3.04 -11.27
N PHE B 342 -25.79 -2.25 -11.49
CA PHE B 342 -25.30 -1.97 -12.83
C PHE B 342 -24.97 -3.26 -13.64
N LEU B 343 -24.33 -4.23 -13.01
CA LEU B 343 -23.92 -5.47 -13.69
C LEU B 343 -24.98 -6.55 -13.74
N ALA B 344 -25.87 -6.56 -12.73
CA ALA B 344 -26.91 -7.60 -12.62
C ALA B 344 -27.88 -7.62 -13.80
N GLY B 345 -28.15 -6.46 -14.39
CA GLY B 345 -29.02 -6.40 -15.58
C GLY B 345 -28.39 -6.88 -16.88
N MET B 346 -27.07 -7.05 -16.92
CA MET B 346 -26.37 -7.51 -18.15
C MET B 346 -26.55 -8.98 -18.49
N GLY B 347 -26.94 -9.82 -17.53
CA GLY B 347 -27.21 -11.23 -17.80
C GLY B 347 -26.14 -12.15 -17.24
N GLY B 348 -26.07 -13.36 -17.81
CA GLY B 348 -25.22 -14.40 -17.27
C GLY B 348 -25.89 -15.22 -16.16
N ASN B 349 -27.10 -14.85 -15.75
CA ASN B 349 -27.77 -15.45 -14.61
C ASN B 349 -28.74 -16.57 -14.98
N THR B 350 -28.78 -16.92 -16.26
CA THR B 350 -29.58 -18.04 -16.74
C THR B 350 -28.66 -19.06 -17.38
N LEU B 351 -28.84 -20.32 -17.03
CA LEU B 351 -28.01 -21.36 -17.60
C LEU B 351 -28.44 -21.66 -19.04
N LEU B 352 -27.62 -21.23 -19.98
CA LEU B 352 -27.90 -21.45 -21.40
C LEU B 352 -27.62 -22.91 -21.76
N ASP B 353 -28.31 -23.40 -22.78
CA ASP B 353 -28.14 -24.80 -23.20
C ASP B 353 -26.70 -25.12 -23.50
N ALA B 354 -26.01 -24.24 -24.22
CA ALA B 354 -24.61 -24.47 -24.58
C ALA B 354 -23.70 -24.56 -23.35
N GLU B 355 -23.97 -23.73 -22.36
CA GLU B 355 -23.21 -23.73 -21.11
C GLU B 355 -23.43 -25.04 -20.32
N ARG B 356 -24.70 -25.41 -20.20
CA ARG B 356 -25.08 -26.67 -19.56
C ARG B 356 -24.41 -27.87 -20.22
N ALA B 357 -24.44 -27.94 -21.55
CA ALA B 357 -23.85 -29.07 -22.27
C ALA B 357 -22.32 -29.13 -22.10
N ALA B 358 -21.66 -27.97 -22.10
CA ALA B 358 -20.19 -27.94 -21.89
C ALA B 358 -19.82 -28.54 -20.52
N ILE B 359 -20.64 -28.26 -19.53
CA ILE B 359 -20.42 -28.75 -18.15
C ILE B 359 -20.72 -30.25 -18.04
N GLU B 360 -21.83 -30.65 -18.65
CA GLU B 360 -22.25 -32.05 -18.65
C GLU B 360 -21.25 -32.98 -19.34
N GLU B 361 -20.46 -32.46 -20.29
CA GLU B 361 -19.35 -33.22 -20.85
C GLU B 361 -18.37 -33.82 -19.83
N ILE B 362 -18.24 -33.19 -18.66
CA ILE B 362 -17.25 -33.58 -17.68
C ILE B 362 -17.80 -34.54 -16.66
N VAL B 363 -19.13 -34.58 -16.49
CA VAL B 363 -19.70 -35.39 -15.42
C VAL B 363 -19.36 -36.90 -15.48
N PRO B 364 -19.32 -37.50 -16.68
CA PRO B 364 -18.95 -38.94 -16.74
C PRO B 364 -17.49 -39.21 -16.32
N LEU B 365 -16.63 -38.20 -16.28
CA LEU B 365 -15.22 -38.35 -15.83
C LEU B 365 -15.09 -38.48 -14.33
N LEU B 366 -16.12 -38.08 -13.60
CA LEU B 366 -16.13 -38.14 -12.13
C LEU B 366 -15.92 -39.57 -11.58
N ALA B 367 -16.40 -40.56 -12.32
CA ALA B 367 -16.32 -41.97 -11.90
C ALA B 367 -14.91 -42.51 -11.89
N ASP B 368 -13.99 -41.85 -12.59
CA ASP B 368 -12.61 -42.29 -12.64
C ASP B 368 -11.72 -41.66 -11.54
N ILE B 369 -12.32 -40.87 -10.66
CA ILE B 369 -11.58 -40.28 -9.54
C ILE B 369 -11.72 -41.24 -8.38
N ARG B 370 -10.70 -42.08 -8.19
CA ARG B 370 -10.67 -43.06 -7.10
C ARG B 370 -9.88 -42.50 -5.92
ZN ZN C . 5.28 22.19 2.22
K K D . 8.15 25.28 7.85
K K E . 3.34 30.22 20.30
C1 9RB F . -2.51 28.57 -6.99
C2 9RB F . -2.27 28.53 -5.54
C3 9RB F . -0.86 26.19 -3.16
C4 9RB F . -1.04 25.92 -1.82
C5 9RB F . -0.15 25.11 -1.12
C6 9RB F . 0.97 24.53 -1.76
C7 9RB F . 1.96 23.66 -1.06
C8 9RB F . 1.82 23.38 0.25
C9 9RB F . 2.76 22.59 1.05
C10 9RB F . 1.15 24.81 -3.11
C11 9RB F . 0.26 25.63 -3.80
C12 9RB F . -2.92 29.69 -4.88
C13 9RB F . -2.05 27.66 -8.09
C14 9RB F . -2.94 30.06 -3.43
O 9RB F . 3.71 21.96 0.65
N3 9RB F . 2.58 22.72 2.33
O1 9RB F . 3.60 22.58 3.21
N2 9RB F . -1.79 27.04 -3.81
N1 9RB F . -1.47 27.64 -4.85
N4 9RB F . -3.54 30.34 -5.90
N 9RB F . -3.28 29.66 -7.12
C 9RB F . -3.92 30.30 -8.30
OH2 1PE G . 6.27 26.43 32.62
C12 1PE G . 5.05 27.19 32.52
C22 1PE G . 4.65 27.38 31.06
OH3 1PE G . 5.02 28.68 30.59
C13 1PE G . 6.28 30.01 29.06
C23 1PE G . 5.40 28.79 29.22
OH4 1PE G . 5.58 31.16 29.52
C14 1PE G . 5.69 33.38 30.43
C24 1PE G . 6.36 32.34 29.53
OH5 1PE G . 4.69 34.07 29.68
C15 1PE G . 2.71 34.23 31.16
C25 1PE G . 3.87 34.95 30.46
OH6 1PE G . 2.04 33.32 30.27
C16 1PE G . 2.13 31.24 31.65
C26 1PE G . 1.28 32.25 30.88
OH7 1PE G . 3.26 30.83 30.86
C1 PEG H . 31.81 28.83 -1.24
O1 PEG H . 33.05 28.22 -1.64
C2 PEG H . 31.42 30.05 -2.05
O2 PEG H . 31.12 29.69 -3.41
C3 PEG H . 30.34 30.65 -4.16
C4 PEG H . 30.69 30.66 -5.65
O4 PEG H . 29.83 29.89 -6.47
C1 PEG I . 15.15 35.69 1.21
O1 PEG I . 14.91 35.09 -0.06
C2 PEG I . 15.75 34.78 2.24
O2 PEG I . 16.24 35.51 3.33
C3 PEG I . 15.53 35.43 4.59
C4 PEG I . 15.19 36.82 5.07
O4 PEG I . 16.33 37.56 5.55
C1 PEG J . 29.23 37.58 8.36
O1 PEG J . 29.75 38.68 9.08
C2 PEG J . 30.21 36.98 7.33
O2 PEG J . 30.87 35.88 7.97
C3 PEG J . 31.61 35.06 7.07
C4 PEG J . 32.11 33.88 7.87
O4 PEG J . 32.62 34.32 9.11
C1 PEG K . 23.85 39.06 2.33
O1 PEG K . 22.46 38.52 2.15
C2 PEG K . 24.96 38.25 3.03
O2 PEG K . 25.78 39.01 3.96
C3 PEG K . 26.68 38.32 4.81
C4 PEG K . 28.06 39.00 4.98
O4 PEG K . 29.15 38.63 4.11
ZN ZN L . -5.99 -15.56 -15.75
K K M . -8.56 -22.01 -14.58
K K N . -2.86 -34.66 -11.41
C1 9RB O . 1.03 -11.42 -26.86
C2 9RB O . 0.70 -12.70 -26.16
C3 9RB O . -0.50 -13.54 -22.81
C4 9RB O . -1.60 -12.71 -22.58
C5 9RB O . -2.39 -12.80 -21.43
C6 9RB O . -2.10 -13.73 -20.45
C7 9RB O . -2.98 -13.78 -19.26
C8 9RB O . -2.79 -14.68 -18.31
C9 9RB O . -3.62 -14.83 -17.11
C10 9RB O . -1.00 -14.58 -20.66
C11 9RB O . -0.21 -14.49 -21.82
C12 9RB O . 1.26 -13.83 -26.93
C13 9RB O . 0.72 -9.99 -26.54
C14 9RB O . 1.19 -15.30 -26.64
O 9RB O . -4.49 -14.07 -16.79
N3 9RB O . -3.43 -15.90 -16.39
O1 9RB O . -4.27 -16.32 -15.42
N2 9RB O . 0.29 -13.46 -23.99
N1 9RB O . -0.05 -12.81 -25.00
N4 9RB O . 1.88 -13.24 -27.99
N 9RB O . 1.74 -11.83 -27.91
C 9RB O . 2.40 -11.08 -29.03
OH2 1PE P . -9.51 -41.34 1.50
C12 1PE P . -8.84 -41.61 0.27
C22 1PE P . -7.69 -42.62 0.43
OH3 1PE P . -6.52 -41.98 0.97
C13 1PE P . -4.22 -42.01 0.20
C23 1PE P . -5.33 -42.77 0.92
OH4 1PE P . -4.13 -42.39 -1.18
C14 1PE P . -3.18 -41.89 -3.38
C24 1PE P . -3.09 -41.69 -1.87
OH5 1PE P . -4.42 -41.36 -3.83
C15 1PE P . -5.33 -42.11 -5.95
C25 1PE P . -4.51 -41.06 -5.21
OH6 1PE P . -4.47 -42.88 -6.79
C16 1PE P . -4.10 -45.08 -7.60
C26 1PE P . -5.11 -43.96 -7.47
OH7 1PE P . -3.24 -44.80 -8.72
C1 PEG Q . 17.73 -12.53 -6.55
O1 PEG Q . 16.54 -11.94 -6.04
C2 PEG Q . 18.16 -11.91 -7.87
O2 PEG Q . 19.25 -12.61 -8.45
C3 PEG Q . 18.99 -13.93 -8.97
C4 PEG Q . 19.73 -15.06 -8.25
O4 PEG Q . 19.85 -14.82 -6.85
C1 PEG R . -27.46 -10.37 -3.22
O1 PEG R . -27.93 -11.69 -2.95
C2 PEG R . -27.36 -10.09 -4.72
O2 PEG R . -27.59 -11.24 -5.54
C3 PEG R . -28.77 -11.28 -6.38
C4 PEG R . -28.42 -11.45 -7.85
O4 PEG R . -29.24 -10.65 -8.70
C1 PEG S . -26.08 -16.25 -9.36
O1 PEG S . -26.20 -14.85 -9.06
C2 PEG S . -26.87 -16.58 -10.64
O2 PEG S . -26.73 -17.90 -11.14
C3 PEG S . -26.94 -18.99 -10.21
C4 PEG S . -28.33 -19.58 -10.29
O4 PEG S . -28.27 -20.71 -11.16
#